data_9K0N
#
_entry.id   9K0N
#
loop_
_entity.id
_entity.type
_entity.pdbx_description
1 polymer 'Sodium- and chloride-dependent taurine transporter'
2 polymer 'Fragment antigen binding heavy chain'
3 polymer 'Fragment antigen binding light chain'
4 non-polymer BETA-ALANINE
5 non-polymer 'SODIUM ION'
6 non-polymer 'CHLORIDE ION'
#
loop_
_entity_poly.entity_id
_entity_poly.type
_entity_poly.pdbx_seq_one_letter_code
_entity_poly.pdbx_strand_id
1 'polypeptide(L)'
;MATKEKLQCLKDFHKDILKPSPGKSPGTRPEDEAEGKPPQREKWSSKIDFVLSVAGGFVGLGNVWRFPYLCYKNGGGAFL
IPYFIFLFGSGLPVFFLEIIIGQYTSEGGITCWEKICPLFSGIGYASVVIVSLLNVYYIVILAWATYYLFQSFQKELPWA
HCNHSWNTPHCMEDTMRKNKSVWITISSTNFTSPVIEFWERNVLSLSPGIDHPGSLKWDLALCLLLVWLVCFFCIWKGVR
STGKVVYFTATFPFAMLLVLLVRGLTLPGAGAGIKFYLYPDITRLEDPQVWIDAGTQIFFSYAICLGAMTSLGSYNKYHN
NVYRDCMLLGCLNSGTSFVSGFAIFSILGFMAQEQGVDIADVAESGPGLAFIAYPKAVTMMPLPTFWSILFFIMLLLLGL
DSQFVEVEGQITSLVDLYPSFLRKGYRREIFIAFVCSISYLLGLTMVTEGGMYVFQLFDYYAASGVCLLWVAFFECFVIA
WIYGGNRFSEDIRDMIGFPPGPWMKYSWAVITPVLCVGCFIFSLVKYVPLTYNKTYVYPNWAIGLGWSLALSSMLCVPLV
IVIRLCQTEGPFLVRVKYLLTPREPNRWAVEREGATPYNSRTVMNGALVKPTHIIVETMMGSDEVDAGSHHHHHHHHHHG
SVEDYKDDDDK
;
A
2 'polypeptide(L)'
;EVQLVESGGGLVKPGGSLKLSCAASGFTFSSYAMSWVRQSPEKRLEWVAEISSGGRYIYYSDTVTGRFTISRDNARNILH
LEMSSLRSEDTAMYYCARGEVRQRGFDYWGQGTTLTVS
;
H
3 'polypeptide(L)'
;ENVLTQSPAIMSTSPGEKVTMTCRASSSVGSSYLHWYQQKSGASPKLWIYSTSNLASGVPARFSGSGSGTSYSLTISSVE
AEDAATYYCQQFSGYPLTFGSGTKLEMGSDEVDAGSHHHHHHHHHHGSVEDYKDDDDK
;
L
#
loop_
_chem_comp.id
_chem_comp.type
_chem_comp.name
_chem_comp.formula
BAL peptide-like BETA-ALANINE 'C3 H7 N O2'
CL non-polymer 'CHLORIDE ION' 'Cl -1'
NA non-polymer 'SODIUM ION' 'Na 1'
#
# COMPACT_ATOMS: atom_id res chain seq x y z
N PRO A 38 22.17 10.74 13.36
CA PRO A 38 23.10 9.62 13.13
C PRO A 38 23.09 9.15 11.68
N PRO A 39 24.27 8.83 11.15
CA PRO A 39 24.35 8.37 9.75
C PRO A 39 23.55 7.10 9.49
N GLN A 40 23.44 6.21 10.47
CA GLN A 40 22.82 4.91 10.24
C GLN A 40 21.33 5.04 9.95
N ARG A 41 20.87 4.28 8.96
CA ARG A 41 19.46 4.18 8.62
C ARG A 41 19.13 2.73 8.32
N GLU A 42 18.01 2.26 8.84
CA GLU A 42 17.63 0.86 8.72
C GLU A 42 16.90 0.59 7.41
N LYS A 43 16.99 -0.67 6.97
CA LYS A 43 16.34 -1.13 5.76
C LYS A 43 15.90 -2.58 5.96
N TRP A 44 14.93 -3.01 5.14
CA TRP A 44 14.48 -4.39 5.19
C TRP A 44 15.60 -5.33 4.78
N SER A 45 15.71 -6.46 5.47
CA SER A 45 16.68 -7.49 5.10
C SER A 45 16.26 -8.25 3.85
N SER A 46 14.97 -8.30 3.56
CA SER A 46 14.45 -9.00 2.39
C SER A 46 13.09 -8.42 2.03
N LYS A 47 12.66 -8.68 0.79
CA LYS A 47 11.36 -8.22 0.35
C LYS A 47 10.23 -8.94 1.09
N ILE A 48 10.48 -10.17 1.55
CA ILE A 48 9.47 -10.92 2.29
C ILE A 48 9.12 -10.19 3.59
N ASP A 49 10.12 -9.59 4.23
CA ASP A 49 9.86 -8.83 5.46
C ASP A 49 8.92 -7.67 5.19
N PHE A 50 9.13 -6.95 4.08
CA PHE A 50 8.24 -5.86 3.73
C PHE A 50 6.83 -6.36 3.46
N VAL A 51 6.70 -7.49 2.75
CA VAL A 51 5.37 -8.04 2.46
C VAL A 51 4.67 -8.46 3.76
N LEU A 52 5.39 -9.13 4.65
CA LEU A 52 4.80 -9.57 5.91
C LEU A 52 4.36 -8.39 6.77
N SER A 53 5.19 -7.34 6.82
CA SER A 53 4.85 -6.18 7.64
C SER A 53 3.58 -5.49 7.15
N VAL A 54 3.45 -5.32 5.83
CA VAL A 54 2.26 -4.69 5.28
C VAL A 54 1.05 -5.60 5.46
N ALA A 55 1.22 -6.90 5.27
CA ALA A 55 0.11 -7.84 5.45
C ALA A 55 -0.39 -7.83 6.88
N GLY A 56 0.54 -7.82 7.85
CA GLY A 56 0.14 -7.68 9.24
C GLY A 56 -0.54 -6.35 9.51
N GLY A 57 -0.02 -5.26 8.92
CA GLY A 57 -0.67 -3.98 9.07
C GLY A 57 -2.04 -3.92 8.44
N PHE A 58 -2.17 -4.50 7.24
CA PHE A 58 -3.45 -4.49 6.54
C PHE A 58 -4.50 -5.30 7.30
N VAL A 59 -4.28 -6.60 7.43
CA VAL A 59 -5.30 -7.52 7.92
C VAL A 59 -5.36 -7.42 9.44
N GLY A 60 -6.53 -7.07 9.96
CA GLY A 60 -6.70 -6.93 11.40
C GLY A 60 -8.15 -6.73 11.79
N LEU A 61 -8.36 -6.01 12.90
CA LEU A 61 -9.70 -5.76 13.39
C LEU A 61 -10.52 -4.87 12.45
N GLY A 62 -9.85 -4.09 11.60
CA GLY A 62 -10.58 -3.28 10.62
C GLY A 62 -11.37 -4.13 9.64
N ASN A 63 -10.88 -5.32 9.34
CA ASN A 63 -11.54 -6.19 8.37
C ASN A 63 -12.58 -7.10 8.98
N VAL A 64 -12.22 -7.79 10.05
CA VAL A 64 -13.12 -8.77 10.65
C VAL A 64 -14.07 -8.17 11.68
N TRP A 65 -13.81 -6.96 12.16
CA TRP A 65 -14.64 -6.35 13.19
C TRP A 65 -15.28 -5.04 12.75
N ARG A 66 -14.55 -4.17 12.05
CA ARG A 66 -15.12 -2.88 11.68
C ARG A 66 -16.04 -2.98 10.47
N PHE A 67 -15.59 -3.64 9.41
CA PHE A 67 -16.41 -3.77 8.21
C PHE A 67 -17.75 -4.46 8.48
N PRO A 68 -17.82 -5.56 9.22
CA PRO A 68 -19.14 -6.18 9.45
C PRO A 68 -20.14 -5.26 10.14
N TYR A 69 -19.74 -4.53 11.18
CA TYR A 69 -20.72 -3.73 11.91
C TYR A 69 -21.08 -2.45 11.16
N LEU A 70 -20.14 -1.86 10.42
CA LEU A 70 -20.46 -0.70 9.61
C LEU A 70 -21.46 -1.05 8.51
N CYS A 71 -21.26 -2.20 7.86
CA CYS A 71 -22.21 -2.66 6.85
C CYS A 71 -23.57 -2.94 7.47
N TYR A 72 -23.58 -3.58 8.65
CA TYR A 72 -24.84 -3.87 9.33
C TYR A 72 -25.57 -2.59 9.72
N LYS A 73 -24.82 -1.58 10.19
CA LYS A 73 -25.44 -0.31 10.56
C LYS A 73 -26.03 0.39 9.34
N ASN A 74 -25.36 0.28 8.18
CA ASN A 74 -25.76 0.99 6.98
C ASN A 74 -26.77 0.23 6.13
N GLY A 75 -27.22 -0.94 6.59
CA GLY A 75 -28.28 -1.66 5.91
C GLY A 75 -27.85 -2.74 4.94
N GLY A 76 -26.60 -3.16 4.99
CA GLY A 76 -26.16 -4.32 4.21
C GLY A 76 -25.72 -3.92 2.80
N GLY A 77 -26.54 -4.28 1.80
CA GLY A 77 -26.14 -4.13 0.41
C GLY A 77 -25.85 -2.70 0.01
N ALA A 78 -26.56 -1.74 0.60
CA ALA A 78 -26.33 -0.33 0.28
C ALA A 78 -24.92 0.13 0.65
N PHE A 79 -24.24 -0.62 1.53
CA PHE A 79 -22.89 -0.26 1.92
C PHE A 79 -21.85 -0.61 0.86
N LEU A 80 -22.13 -1.64 0.04
CA LEU A 80 -21.10 -2.17 -0.86
C LEU A 80 -20.84 -1.25 -2.04
N ILE A 81 -21.89 -0.63 -2.60
CA ILE A 81 -21.76 0.17 -3.81
C ILE A 81 -20.84 1.36 -3.55
N PRO A 82 -21.04 2.15 -2.48
CA PRO A 82 -20.01 3.15 -2.15
C PRO A 82 -18.65 2.54 -1.87
N TYR A 83 -18.62 1.35 -1.27
CA TYR A 83 -17.36 0.71 -0.90
C TYR A 83 -16.51 0.41 -2.13
N PHE A 84 -17.09 -0.26 -3.13
CA PHE A 84 -16.31 -0.61 -4.31
C PHE A 84 -15.96 0.63 -5.14
N ILE A 85 -16.84 1.63 -5.16
CA ILE A 85 -16.53 2.89 -5.83
C ILE A 85 -15.29 3.52 -5.21
N PHE A 86 -15.29 3.65 -3.89
CA PHE A 86 -14.13 4.22 -3.20
C PHE A 86 -12.89 3.36 -3.38
N LEU A 87 -13.03 2.05 -3.27
CA LEU A 87 -11.90 1.12 -3.35
C LEU A 87 -11.14 1.27 -4.66
N PHE A 88 -11.81 0.99 -5.78
CA PHE A 88 -11.17 1.06 -7.08
C PHE A 88 -10.92 2.49 -7.54
N GLY A 89 -11.50 3.48 -6.86
CA GLY A 89 -11.31 4.87 -7.21
C GLY A 89 -10.20 5.55 -6.43
N SER A 90 -10.17 5.33 -5.11
CA SER A 90 -9.20 6.02 -4.27
C SER A 90 -8.38 5.06 -3.43
N GLY A 91 -8.97 3.95 -3.00
CA GLY A 91 -8.34 3.05 -2.05
C GLY A 91 -6.97 2.55 -2.44
N LEU A 92 -6.90 1.71 -3.47
CA LEU A 92 -5.61 1.18 -3.92
C LEU A 92 -4.65 2.26 -4.41
N PRO A 93 -5.05 3.22 -5.25
CA PRO A 93 -4.07 4.24 -5.69
C PRO A 93 -3.42 5.01 -4.55
N VAL A 94 -4.17 5.34 -3.51
CA VAL A 94 -3.57 6.05 -2.38
C VAL A 94 -2.63 5.14 -1.60
N PHE A 95 -2.96 3.85 -1.48
CA PHE A 95 -2.05 2.94 -0.79
C PHE A 95 -0.73 2.82 -1.52
N PHE A 96 -0.78 2.70 -2.85
CA PHE A 96 0.46 2.74 -3.63
C PHE A 96 1.16 4.09 -3.46
N LEU A 97 0.37 5.16 -3.32
CA LEU A 97 0.95 6.49 -3.15
C LEU A 97 1.79 6.57 -1.88
N GLU A 98 1.27 6.03 -0.77
CA GLU A 98 2.01 6.07 0.49
C GLU A 98 3.29 5.26 0.42
N ILE A 99 3.21 4.02 -0.07
CA ILE A 99 4.38 3.16 -0.13
C ILE A 99 5.44 3.77 -1.04
N ILE A 100 5.02 4.31 -2.18
CA ILE A 100 5.98 4.86 -3.13
C ILE A 100 6.55 6.20 -2.65
N ILE A 101 5.79 6.97 -1.85
CA ILE A 101 6.36 8.16 -1.23
C ILE A 101 7.39 7.76 -0.18
N GLY A 102 7.06 6.79 0.67
CA GLY A 102 8.00 6.33 1.68
C GLY A 102 9.26 5.75 1.07
N GLN A 103 9.10 4.97 -0.01
CA GLN A 103 10.27 4.40 -0.68
C GLN A 103 11.14 5.48 -1.31
N TYR A 104 10.51 6.50 -1.89
CA TYR A 104 11.27 7.53 -2.59
C TYR A 104 12.15 8.33 -1.64
N THR A 105 11.58 8.79 -0.52
CA THR A 105 12.33 9.50 0.50
C THR A 105 12.44 8.61 1.74
N SER A 106 13.69 8.27 2.10
CA SER A 106 13.92 7.42 3.26
C SER A 106 13.67 8.19 4.54
N GLU A 107 12.40 8.47 4.85
CA GLU A 107 12.04 9.25 6.00
C GLU A 107 10.70 8.76 6.53
N GLY A 108 10.40 9.15 7.78
CA GLY A 108 9.17 8.76 8.42
C GLY A 108 7.98 9.52 7.88
N GLY A 109 6.84 9.34 8.56
CA GLY A 109 5.61 9.98 8.13
C GLY A 109 5.67 11.49 8.19
N ILE A 110 6.46 12.05 9.10
CA ILE A 110 6.54 13.49 9.27
C ILE A 110 7.58 14.11 8.35
N THR A 111 8.80 13.58 8.38
CA THR A 111 9.92 14.19 7.66
C THR A 111 9.92 13.86 6.17
N CYS A 112 9.06 12.96 5.71
CA CYS A 112 9.00 12.67 4.27
C CYS A 112 8.52 13.88 3.49
N TRP A 113 7.56 14.63 4.03
CA TRP A 113 7.02 15.78 3.33
C TRP A 113 8.02 16.92 3.22
N GLU A 114 9.12 16.88 3.98
CA GLU A 114 10.15 17.91 3.83
C GLU A 114 10.86 17.84 2.49
N LYS A 115 10.71 16.74 1.76
CA LYS A 115 11.30 16.60 0.44
C LYS A 115 10.29 16.67 -0.70
N ILE A 116 9.01 16.47 -0.43
CA ILE A 116 7.97 16.61 -1.45
C ILE A 116 7.48 18.05 -1.45
N CYS A 117 7.05 18.54 -0.29
CA CYS A 117 6.52 19.89 -0.16
C CYS A 117 6.66 20.37 1.28
N PRO A 118 7.73 21.09 1.61
CA PRO A 118 7.90 21.56 3.00
C PRO A 118 6.74 22.40 3.51
N LEU A 119 6.06 23.15 2.64
CA LEU A 119 4.92 23.94 3.07
C LEU A 119 3.81 23.06 3.63
N PHE A 120 3.58 21.90 3.02
CA PHE A 120 2.51 20.98 3.44
C PHE A 120 3.02 19.88 4.36
N SER A 121 4.03 20.18 5.19
CA SER A 121 4.51 19.21 6.17
C SER A 121 3.48 18.90 7.25
N GLY A 122 2.42 19.69 7.36
CA GLY A 122 1.38 19.43 8.35
C GLY A 122 0.65 18.12 8.14
N ILE A 123 0.70 17.56 6.93
CA ILE A 123 0.06 16.28 6.66
C ILE A 123 0.68 15.20 7.52
N GLY A 124 2.00 15.20 7.65
CA GLY A 124 2.67 14.21 8.49
C GLY A 124 2.28 14.35 9.95
N TYR A 125 2.20 15.59 10.46
CA TYR A 125 1.75 15.81 11.82
C TYR A 125 0.30 15.36 11.98
N ALA A 126 -0.55 15.65 11.00
CA ALA A 126 -1.94 15.21 11.06
C ALA A 126 -2.02 13.68 11.08
N SER A 127 -1.19 13.02 10.27
CA SER A 127 -1.21 11.56 10.23
C SER A 127 -0.78 10.96 11.57
N VAL A 128 0.25 11.52 12.20
CA VAL A 128 0.74 10.97 13.46
C VAL A 128 -0.27 11.20 14.57
N VAL A 129 -0.94 12.36 14.57
CA VAL A 129 -2.00 12.60 15.54
C VAL A 129 -3.12 11.59 15.34
N ILE A 130 -3.42 11.25 14.08
CA ILE A 130 -4.37 10.18 13.79
C ILE A 130 -3.87 8.86 14.39
N VAL A 131 -2.58 8.56 14.21
CA VAL A 131 -2.02 7.33 14.75
C VAL A 131 -2.09 7.33 16.28
N SER A 132 -1.74 8.46 16.91
CA SER A 132 -1.76 8.53 18.36
C SER A 132 -3.16 8.32 18.91
N LEU A 133 -4.17 8.94 18.29
CA LEU A 133 -5.55 8.73 18.72
C LEU A 133 -6.01 7.32 18.39
N LEU A 134 -5.57 6.77 17.26
CA LEU A 134 -5.98 5.43 16.87
C LEU A 134 -5.46 4.37 17.85
N ASN A 135 -4.21 4.52 18.30
CA ASN A 135 -3.62 3.51 19.18
C ASN A 135 -4.31 3.47 20.54
N VAL A 136 -4.92 4.57 20.96
CA VAL A 136 -5.55 4.61 22.28
C VAL A 136 -6.79 3.72 22.30
N TYR A 137 -7.62 3.79 21.26
CA TYR A 137 -8.89 3.07 21.24
C TYR A 137 -8.83 1.74 20.50
N TYR A 138 -7.85 1.54 19.62
CA TYR A 138 -7.72 0.25 18.94
C TYR A 138 -7.35 -0.86 19.90
N ILE A 139 -6.59 -0.54 20.95
CA ILE A 139 -6.17 -1.55 21.90
C ILE A 139 -7.34 -2.06 22.74
N VAL A 140 -8.34 -1.21 22.96
CA VAL A 140 -9.46 -1.56 23.84
C VAL A 140 -10.23 -2.75 23.29
N ILE A 141 -10.29 -2.89 21.97
CA ILE A 141 -10.96 -4.06 21.38
C ILE A 141 -10.24 -5.34 21.80
N LEU A 142 -8.91 -5.33 21.78
CA LEU A 142 -8.15 -6.48 22.25
C LEU A 142 -8.33 -6.68 23.75
N ALA A 143 -8.56 -5.61 24.50
CA ALA A 143 -8.88 -5.76 25.91
C ALA A 143 -10.20 -6.51 26.09
N TRP A 144 -11.20 -6.19 25.27
CA TRP A 144 -12.45 -6.96 25.28
C TRP A 144 -12.19 -8.40 24.87
N ALA A 145 -11.36 -8.61 23.86
CA ALA A 145 -11.03 -9.97 23.43
C ALA A 145 -10.31 -10.74 24.53
N THR A 146 -9.39 -10.06 25.24
CA THR A 146 -8.67 -10.72 26.33
C THR A 146 -9.62 -11.10 27.45
N TYR A 147 -10.57 -10.21 27.79
CA TYR A 147 -11.57 -10.53 28.79
C TYR A 147 -12.43 -11.71 28.34
N TYR A 148 -12.83 -11.72 27.06
CA TYR A 148 -13.56 -12.86 26.51
C TYR A 148 -12.71 -14.12 26.54
N LEU A 149 -11.42 -14.00 26.20
CA LEU A 149 -10.54 -15.15 26.23
C LEU A 149 -10.39 -15.70 27.64
N PHE A 150 -10.20 -14.83 28.63
CA PHE A 150 -10.08 -15.28 30.02
C PHE A 150 -11.36 -15.95 30.50
N GLN A 151 -12.52 -15.38 30.14
CA GLN A 151 -13.81 -15.93 30.53
C GLN A 151 -14.29 -17.04 29.61
N SER A 152 -13.38 -17.60 28.80
CA SER A 152 -13.64 -18.82 28.04
C SER A 152 -12.94 -20.04 28.64
N PHE A 153 -12.01 -19.83 29.58
CA PHE A 153 -11.39 -20.92 30.33
C PHE A 153 -12.37 -21.37 31.42
N GLN A 154 -13.42 -22.05 30.96
CA GLN A 154 -14.53 -22.43 31.84
C GLN A 154 -15.18 -23.67 31.26
N LYS A 155 -15.86 -24.42 32.13
CA LYS A 155 -16.50 -25.66 31.67
C LYS A 155 -17.54 -25.37 30.59
N GLU A 156 -18.35 -24.34 30.79
CA GLU A 156 -19.39 -23.96 29.84
C GLU A 156 -19.32 -22.46 29.57
N LEU A 157 -19.52 -22.09 28.31
CA LEU A 157 -19.45 -20.68 27.94
C LEU A 157 -20.56 -19.90 28.62
N PRO A 158 -20.25 -18.76 29.24
CA PRO A 158 -21.30 -18.00 29.95
C PRO A 158 -22.45 -17.55 29.07
N TRP A 159 -22.20 -17.32 27.77
CA TRP A 159 -23.23 -16.84 26.87
C TRP A 159 -24.03 -17.96 26.21
N ALA A 160 -23.92 -19.19 26.72
CA ALA A 160 -24.73 -20.30 26.23
C ALA A 160 -26.09 -20.38 26.91
N HIS A 161 -26.30 -19.62 27.98
CA HIS A 161 -27.57 -19.55 28.70
C HIS A 161 -27.50 -18.41 29.69
N CYS A 162 -28.65 -17.86 30.09
CA CYS A 162 -28.68 -16.70 30.98
C CYS A 162 -29.26 -17.02 32.35
N ASN A 163 -28.89 -18.18 32.91
CA ASN A 163 -29.17 -18.48 34.30
C ASN A 163 -28.17 -17.83 35.26
N HIS A 164 -27.26 -17.01 34.74
CA HIS A 164 -26.19 -16.42 35.55
C HIS A 164 -26.72 -15.21 36.32
N SER A 165 -25.83 -14.60 37.11
CA SER A 165 -26.22 -13.53 38.03
C SER A 165 -26.49 -12.23 37.29
N TRP A 166 -25.63 -11.86 36.34
CA TRP A 166 -25.71 -10.55 35.71
C TRP A 166 -26.91 -10.40 34.79
N ASN A 167 -27.77 -11.41 34.72
CA ASN A 167 -28.83 -11.48 33.72
C ASN A 167 -30.15 -10.98 34.28
N THR A 168 -30.92 -10.30 33.42
CA THR A 168 -32.22 -9.76 33.80
C THR A 168 -33.29 -10.85 33.74
N PRO A 169 -34.37 -10.69 34.50
CA PRO A 169 -35.47 -11.67 34.42
C PRO A 169 -36.15 -11.72 33.07
N HIS A 170 -35.98 -10.70 32.23
CA HIS A 170 -36.59 -10.69 30.91
C HIS A 170 -35.94 -11.67 29.95
N CYS A 171 -34.82 -12.29 30.34
CA CYS A 171 -34.12 -13.21 29.45
C CYS A 171 -34.97 -14.44 29.14
N MET A 172 -34.81 -14.95 27.92
CA MET A 172 -35.39 -16.20 27.48
C MET A 172 -34.45 -16.80 26.45
N GLU A 173 -34.19 -18.10 26.57
CA GLU A 173 -33.26 -18.77 25.66
C GLU A 173 -33.72 -18.58 24.21
N ASP A 174 -32.77 -18.23 23.35
CA ASP A 174 -33.10 -17.98 21.94
C ASP A 174 -33.63 -19.22 21.25
N THR A 175 -33.37 -20.41 21.80
CA THR A 175 -33.99 -21.62 21.27
C THR A 175 -35.51 -21.63 21.49
N MET A 176 -36.00 -20.82 22.41
CA MET A 176 -37.44 -20.73 22.68
C MET A 176 -37.95 -19.30 22.65
N ARG A 177 -37.16 -18.35 22.17
CA ARG A 177 -37.62 -16.97 22.08
C ARG A 177 -38.80 -16.84 21.12
N LYS A 178 -38.80 -17.61 20.03
CA LYS A 178 -39.92 -17.61 19.10
C LYS A 178 -41.05 -18.52 19.54
N ASN A 179 -40.90 -19.22 20.66
CA ASN A 179 -41.94 -20.10 21.21
C ASN A 179 -42.31 -21.23 20.26
N THR A 189 -42.66 -9.05 27.31
CA THR A 189 -42.98 -8.67 25.94
C THR A 189 -41.73 -8.18 25.21
N ASN A 190 -40.61 -8.11 25.93
CA ASN A 190 -39.34 -7.63 25.39
C ASN A 190 -38.23 -8.60 25.75
N PHE A 191 -38.46 -9.88 25.52
CA PHE A 191 -37.46 -10.90 25.80
C PHE A 191 -36.19 -10.65 24.99
N THR A 192 -35.05 -10.94 25.59
CA THR A 192 -33.75 -10.65 25.00
C THR A 192 -32.89 -11.90 25.01
N SER A 193 -31.87 -11.89 24.14
CA SER A 193 -30.95 -13.01 24.00
C SER A 193 -29.89 -13.00 25.11
N PRO A 194 -29.43 -14.18 25.53
CA PRO A 194 -28.38 -14.21 26.55
C PRO A 194 -27.03 -13.70 26.05
N VAL A 195 -26.73 -13.86 24.77
CA VAL A 195 -25.45 -13.40 24.25
C VAL A 195 -25.33 -11.89 24.34
N ILE A 196 -26.39 -11.17 23.95
CA ILE A 196 -26.40 -9.72 24.06
C ILE A 196 -26.32 -9.30 25.52
N GLU A 197 -27.02 -10.02 26.40
CA GLU A 197 -26.97 -9.70 27.83
C GLU A 197 -25.56 -9.84 28.38
N PHE A 198 -24.85 -10.92 28.01
CA PHE A 198 -23.48 -11.08 28.45
C PHE A 198 -22.60 -9.95 27.93
N TRP A 199 -22.75 -9.59 26.66
CA TRP A 199 -21.94 -8.52 26.08
C TRP A 199 -22.17 -7.19 26.79
N GLU A 200 -23.43 -6.87 27.09
CA GLU A 200 -23.74 -5.57 27.67
C GLU A 200 -23.57 -5.58 29.19
N ARG A 201 -24.28 -6.48 29.89
CA ARG A 201 -24.29 -6.44 31.35
C ARG A 201 -22.95 -6.83 31.94
N ASN A 202 -22.30 -7.87 31.41
CA ASN A 202 -21.11 -8.41 32.05
C ASN A 202 -19.83 -7.77 31.53
N VAL A 203 -19.57 -7.86 30.23
CA VAL A 203 -18.33 -7.37 29.67
C VAL A 203 -18.28 -5.84 29.74
N LEU A 204 -19.24 -5.18 29.11
CA LEU A 204 -19.25 -3.72 29.08
C LEU A 204 -19.71 -3.13 30.41
N SER A 205 -20.67 -3.78 31.07
CA SER A 205 -21.38 -3.21 32.21
C SER A 205 -21.94 -1.83 31.84
N LEU A 206 -22.71 -1.84 30.75
CA LEU A 206 -23.09 -0.60 30.07
C LEU A 206 -23.85 0.35 31.01
N SER A 207 -23.39 1.59 31.05
CA SER A 207 -24.05 2.67 31.77
C SER A 207 -25.20 3.23 30.94
N PRO A 208 -26.17 3.87 31.58
CA PRO A 208 -27.27 4.48 30.81
C PRO A 208 -26.82 5.55 29.82
N GLY A 209 -25.66 6.17 30.03
CA GLY A 209 -25.19 7.18 29.08
C GLY A 209 -23.78 7.60 29.39
N ILE A 210 -23.21 8.36 28.45
CA ILE A 210 -21.86 8.88 28.62
C ILE A 210 -21.80 9.87 29.78
N ASP A 211 -22.92 10.52 30.09
CA ASP A 211 -22.97 11.43 31.24
C ASP A 211 -22.80 10.68 32.55
N HIS A 212 -22.91 9.36 32.56
CA HIS A 212 -22.73 8.55 33.75
C HIS A 212 -21.55 7.61 33.55
N PRO A 213 -20.31 8.09 33.73
CA PRO A 213 -19.15 7.21 33.54
C PRO A 213 -19.15 5.98 34.43
N GLY A 214 -19.65 6.11 35.66
CA GLY A 214 -19.68 4.96 36.56
C GLY A 214 -18.30 4.61 37.10
N SER A 215 -18.17 3.37 37.53
CA SER A 215 -16.93 2.87 38.11
C SER A 215 -16.00 2.35 37.02
N LEU A 216 -14.73 2.20 37.38
CA LEU A 216 -13.71 1.69 36.48
C LEU A 216 -13.62 0.18 36.60
N LYS A 217 -13.83 -0.52 35.48
CA LYS A 217 -13.77 -1.98 35.47
C LYS A 217 -12.32 -2.42 35.71
N TRP A 218 -12.07 -3.01 36.88
CA TRP A 218 -10.71 -3.45 37.20
C TRP A 218 -10.27 -4.59 36.30
N ASP A 219 -11.18 -5.53 36.00
CA ASP A 219 -10.81 -6.66 35.15
C ASP A 219 -10.41 -6.19 33.76
N LEU A 220 -11.17 -5.25 33.19
CA LEU A 220 -10.80 -4.70 31.88
C LEU A 220 -9.51 -3.91 31.96
N ALA A 221 -9.27 -3.21 33.07
CA ALA A 221 -8.04 -2.44 33.22
C ALA A 221 -6.82 -3.35 33.24
N LEU A 222 -6.90 -4.48 33.96
CA LEU A 222 -5.78 -5.42 33.99
C LEU A 222 -5.58 -6.07 32.62
N CYS A 223 -6.67 -6.39 31.94
CA CYS A 223 -6.56 -6.87 30.56
C CYS A 223 -5.98 -5.78 29.66
N LEU A 224 -6.39 -4.53 29.87
CA LEU A 224 -5.81 -3.41 29.14
C LEU A 224 -4.32 -3.31 29.40
N LEU A 225 -3.91 -3.47 30.66
CA LEU A 225 -2.49 -3.41 31.01
C LEU A 225 -1.73 -4.57 30.38
N LEU A 226 -2.30 -5.78 30.41
CA LEU A 226 -1.59 -6.96 29.90
C LEU A 226 -1.30 -6.83 28.42
N VAL A 227 -2.28 -6.35 27.64
CA VAL A 227 -2.08 -6.19 26.21
C VAL A 227 -1.01 -5.14 25.94
N TRP A 228 -1.04 -4.03 26.68
CA TRP A 228 -0.06 -2.98 26.48
C TRP A 228 1.34 -3.43 26.88
N LEU A 229 1.44 -4.25 27.92
CA LEU A 229 2.73 -4.83 28.30
C LEU A 229 3.26 -5.74 27.20
N VAL A 230 2.37 -6.52 26.58
CA VAL A 230 2.77 -7.34 25.43
C VAL A 230 3.26 -6.46 24.29
N CYS A 231 2.53 -5.36 24.03
CA CYS A 231 2.94 -4.44 22.97
C CYS A 231 4.30 -3.82 23.27
N PHE A 232 4.52 -3.41 24.51
CA PHE A 232 5.80 -2.79 24.87
C PHE A 232 6.96 -3.75 24.68
N PHE A 233 6.83 -4.98 25.18
CA PHE A 233 7.94 -5.94 25.10
C PHE A 233 8.17 -6.43 23.68
N CYS A 234 7.20 -6.28 22.78
CA CYS A 234 7.38 -6.59 21.38
C CYS A 234 7.85 -5.41 20.55
N ILE A 235 7.96 -4.22 21.16
CA ILE A 235 8.37 -3.02 20.44
C ILE A 235 9.57 -2.33 21.08
N TRP A 236 9.83 -2.53 22.37
CA TRP A 236 10.92 -1.81 23.04
C TRP A 236 12.27 -2.07 22.40
N LYS A 237 12.45 -3.25 21.77
CA LYS A 237 13.67 -3.57 21.05
C LYS A 237 13.49 -3.43 19.55
N GLY A 238 12.50 -4.09 18.98
CA GLY A 238 12.25 -4.02 17.55
C GLY A 238 11.44 -5.20 17.04
N VAL A 239 10.50 -4.93 16.14
CA VAL A 239 9.67 -6.00 15.59
C VAL A 239 10.50 -6.87 14.65
N ARG A 240 10.22 -8.18 14.65
CA ARG A 240 10.95 -9.12 13.83
C ARG A 240 10.04 -10.29 13.48
N SER A 241 10.40 -10.99 12.40
CA SER A 241 9.63 -12.15 11.98
C SER A 241 9.83 -13.34 12.92
N THR A 242 10.96 -13.38 13.62
CA THR A 242 11.26 -14.42 14.61
C THR A 242 11.32 -15.81 13.98
N GLY A 243 11.69 -15.89 12.71
CA GLY A 243 11.90 -17.18 12.07
C GLY A 243 10.59 -17.88 11.74
N LYS A 244 10.54 -19.19 12.04
CA LYS A 244 9.47 -20.06 11.59
C LYS A 244 8.14 -19.77 12.27
N VAL A 245 8.10 -18.96 13.33
CA VAL A 245 6.85 -18.70 14.03
C VAL A 245 5.85 -17.99 13.13
N VAL A 246 6.32 -17.35 12.05
CA VAL A 246 5.42 -16.69 11.11
C VAL A 246 4.48 -17.69 10.46
N TYR A 247 4.93 -18.94 10.28
CA TYR A 247 4.10 -19.97 9.68
C TYR A 247 2.84 -20.25 10.49
N PHE A 248 2.83 -19.87 11.76
CA PHE A 248 1.65 -19.99 12.61
C PHE A 248 0.96 -18.66 12.84
N THR A 249 1.72 -17.60 13.11
CA THR A 249 1.13 -16.31 13.43
C THR A 249 0.34 -15.75 12.25
N ALA A 250 0.88 -15.87 11.04
CA ALA A 250 0.24 -15.24 9.88
C ALA A 250 -0.86 -16.12 9.28
N THR A 251 -0.61 -17.42 9.16
CA THR A 251 -1.56 -18.29 8.47
C THR A 251 -2.79 -18.63 9.31
N PHE A 252 -2.63 -18.73 10.63
CA PHE A 252 -3.74 -19.15 11.50
C PHE A 252 -5.00 -18.29 11.37
N PRO A 253 -4.93 -16.96 11.38
CA PRO A 253 -6.18 -16.18 11.30
C PRO A 253 -7.00 -16.46 10.05
N PHE A 254 -6.35 -16.66 8.91
CA PHE A 254 -7.09 -16.96 7.69
C PHE A 254 -7.75 -18.34 7.77
N ALA A 255 -7.06 -19.31 8.35
CA ALA A 255 -7.66 -20.64 8.53
C ALA A 255 -8.85 -20.58 9.47
N MET A 256 -8.73 -19.82 10.57
CA MET A 256 -9.84 -19.71 11.51
C MET A 256 -11.03 -19.00 10.88
N LEU A 257 -10.77 -17.97 10.06
CA LEU A 257 -11.87 -17.29 9.37
C LEU A 257 -12.57 -18.24 8.40
N LEU A 258 -11.82 -19.10 7.71
CA LEU A 258 -12.42 -20.06 6.81
C LEU A 258 -13.33 -21.03 7.58
N VAL A 259 -12.88 -21.47 8.75
CA VAL A 259 -13.71 -22.36 9.57
C VAL A 259 -15.00 -21.67 9.98
N LEU A 260 -14.90 -20.39 10.39
CA LEU A 260 -16.09 -19.63 10.75
C LEU A 260 -17.00 -19.43 9.54
N LEU A 261 -16.41 -19.19 8.36
CA LEU A 261 -17.21 -19.02 7.16
C LEU A 261 -17.98 -20.29 6.82
N VAL A 262 -17.33 -21.45 6.95
CA VAL A 262 -18.01 -22.72 6.69
C VAL A 262 -19.14 -22.93 7.69
N ARG A 263 -18.88 -22.64 8.97
CA ARG A 263 -19.92 -22.79 9.99
C ARG A 263 -21.10 -21.86 9.72
N GLY A 264 -20.81 -20.61 9.35
CA GLY A 264 -21.87 -19.66 9.11
C GLY A 264 -22.73 -20.01 7.92
N LEU A 265 -22.10 -20.40 6.81
CA LEU A 265 -22.86 -20.74 5.60
C LEU A 265 -23.67 -22.02 5.75
N THR A 266 -23.32 -22.88 6.71
CA THR A 266 -24.03 -24.13 6.93
C THR A 266 -25.23 -23.96 7.85
N LEU A 267 -25.40 -22.78 8.45
CA LEU A 267 -26.49 -22.54 9.37
C LEU A 267 -27.83 -22.55 8.61
N PRO A 268 -28.91 -22.92 9.31
CA PRO A 268 -30.22 -22.99 8.63
C PRO A 268 -30.68 -21.68 8.01
N GLY A 269 -30.39 -20.55 8.66
CA GLY A 269 -30.88 -19.28 8.18
C GLY A 269 -29.83 -18.44 7.46
N ALA A 270 -28.80 -19.11 6.92
CA ALA A 270 -27.73 -18.40 6.24
C ALA A 270 -28.23 -17.70 4.98
N GLY A 271 -29.20 -18.30 4.28
CA GLY A 271 -29.65 -17.72 3.02
C GLY A 271 -30.24 -16.34 3.17
N ALA A 272 -31.07 -16.14 4.20
CA ALA A 272 -31.69 -14.84 4.41
C ALA A 272 -30.64 -13.77 4.73
N GLY A 273 -29.64 -14.12 5.54
CA GLY A 273 -28.59 -13.16 5.87
C GLY A 273 -27.78 -12.73 4.66
N ILE A 274 -27.45 -13.69 3.78
CA ILE A 274 -26.70 -13.35 2.58
C ILE A 274 -27.51 -12.45 1.67
N LYS A 275 -28.82 -12.70 1.57
CA LYS A 275 -29.68 -11.84 0.75
C LYS A 275 -29.68 -10.41 1.28
N PHE A 276 -29.76 -10.25 2.61
CA PHE A 276 -29.69 -8.92 3.20
C PHE A 276 -28.32 -8.29 2.96
N TYR A 277 -27.25 -9.10 3.05
CA TYR A 277 -25.90 -8.57 2.88
C TYR A 277 -25.68 -8.08 1.45
N LEU A 278 -26.15 -8.83 0.46
CA LEU A 278 -25.80 -8.55 -0.93
C LEU A 278 -26.78 -7.65 -1.64
N TYR A 279 -28.08 -7.75 -1.35
CA TYR A 279 -29.08 -6.95 -2.07
C TYR A 279 -28.95 -5.49 -1.68
N PRO A 280 -28.69 -4.59 -2.63
CA PRO A 280 -28.52 -3.17 -2.29
C PRO A 280 -29.85 -2.48 -2.02
N ASP A 281 -29.84 -1.57 -1.06
CA ASP A 281 -30.97 -0.69 -0.79
C ASP A 281 -30.64 0.67 -1.40
N ILE A 282 -31.13 0.89 -2.62
CA ILE A 282 -30.78 2.10 -3.37
C ILE A 282 -31.25 3.36 -2.64
N THR A 283 -32.38 3.27 -1.93
CA THR A 283 -32.89 4.43 -1.20
C THR A 283 -31.91 4.90 -0.14
N ARG A 284 -31.17 3.97 0.48
CA ARG A 284 -30.18 4.35 1.49
C ARG A 284 -29.05 5.19 0.93
N LEU A 285 -28.81 5.12 -0.39
CA LEU A 285 -27.78 5.94 -1.01
C LEU A 285 -28.12 7.41 -1.03
N GLU A 286 -29.37 7.78 -0.73
CA GLU A 286 -29.80 9.17 -0.70
C GLU A 286 -29.37 9.89 0.58
N ASP A 287 -28.59 9.24 1.44
CA ASP A 287 -28.11 9.84 2.67
C ASP A 287 -26.58 9.78 2.70
N PRO A 288 -25.94 10.78 3.29
CA PRO A 288 -24.46 10.81 3.30
C PRO A 288 -23.85 9.75 4.19
N GLN A 289 -24.63 9.12 5.08
CA GLN A 289 -24.06 8.19 6.05
C GLN A 289 -23.36 7.02 5.35
N VAL A 290 -24.02 6.42 4.36
CA VAL A 290 -23.44 5.27 3.67
C VAL A 290 -22.18 5.67 2.92
N TRP A 291 -22.18 6.87 2.32
CA TRP A 291 -21.02 7.31 1.56
C TRP A 291 -19.81 7.56 2.46
N ILE A 292 -20.01 8.31 3.56
CA ILE A 292 -18.88 8.62 4.42
C ILE A 292 -18.37 7.36 5.13
N ASP A 293 -19.29 6.49 5.58
CA ASP A 293 -18.88 5.28 6.27
C ASP A 293 -18.06 4.38 5.37
N ALA A 294 -18.48 4.22 4.11
CA ALA A 294 -17.73 3.39 3.18
C ALA A 294 -16.36 4.00 2.89
N GLY A 295 -16.32 5.32 2.69
CA GLY A 295 -15.04 5.96 2.39
C GLY A 295 -14.03 5.83 3.51
N THR A 296 -14.40 6.27 4.71
CA THR A 296 -13.44 6.25 5.82
C THR A 296 -13.10 4.84 6.26
N GLN A 297 -14.00 3.87 6.02
CA GLN A 297 -13.67 2.48 6.32
C GLN A 297 -12.47 2.02 5.50
N ILE A 298 -12.48 2.32 4.20
CA ILE A 298 -11.36 1.94 3.34
C ILE A 298 -10.10 2.69 3.74
N PHE A 299 -10.21 3.99 3.99
CA PHE A 299 -9.05 4.76 4.43
C PHE A 299 -8.55 4.29 5.79
N PHE A 300 -9.43 3.70 6.60
CA PHE A 300 -9.03 3.13 7.88
C PHE A 300 -8.44 1.74 7.71
N SER A 301 -9.12 0.87 6.97
CA SER A 301 -8.68 -0.51 6.83
C SER A 301 -7.32 -0.59 6.15
N TYR A 302 -7.10 0.20 5.11
CA TYR A 302 -5.82 0.23 4.43
C TYR A 302 -4.74 0.96 5.22
N ALA A 303 -5.11 1.64 6.30
CA ALA A 303 -4.16 2.34 7.18
C ALA A 303 -3.28 3.29 6.37
N ILE A 304 -3.88 3.99 5.43
CA ILE A 304 -3.13 4.79 4.48
C ILE A 304 -2.97 6.23 4.97
N CYS A 305 -4.05 6.85 5.46
CA CYS A 305 -3.91 8.19 6.03
C CYS A 305 -3.05 8.20 7.28
N LEU A 306 -2.76 7.02 7.85
CA LEU A 306 -1.83 6.92 8.96
C LEU A 306 -0.39 6.98 8.45
N GLY A 307 0.55 7.18 9.38
CA GLY A 307 1.95 7.21 9.03
C GLY A 307 2.63 5.87 8.92
N ALA A 308 1.93 4.77 9.21
CA ALA A 308 2.55 3.45 9.17
C ALA A 308 2.97 3.07 7.75
N MET A 309 2.09 3.32 6.77
CA MET A 309 2.38 2.92 5.40
C MET A 309 3.59 3.65 4.84
N THR A 310 3.69 4.96 5.11
CA THR A 310 4.89 5.70 4.71
C THR A 310 6.12 5.16 5.44
N SER A 311 5.98 4.87 6.73
CA SER A 311 7.11 4.36 7.51
C SER A 311 7.58 3.01 7.00
N LEU A 312 6.65 2.11 6.69
CA LEU A 312 7.04 0.80 6.14
C LEU A 312 7.73 0.95 4.79
N GLY A 313 7.24 1.86 3.94
CA GLY A 313 7.89 2.09 2.67
C GLY A 313 9.27 2.68 2.81
N SER A 314 9.52 3.45 3.87
CA SER A 314 10.81 4.08 4.08
C SER A 314 11.95 3.08 4.20
N TYR A 315 11.66 1.85 4.64
CA TYR A 315 12.70 0.84 4.78
C TYR A 315 12.97 0.10 3.48
N ASN A 316 12.19 0.34 2.44
CA ASN A 316 12.37 -0.36 1.17
C ASN A 316 13.58 0.15 0.41
N LYS A 317 14.09 -0.69 -0.49
CA LYS A 317 15.15 -0.27 -1.39
C LYS A 317 14.62 0.75 -2.40
N TYR A 318 15.52 1.64 -2.85
CA TYR A 318 15.11 2.72 -3.74
C TYR A 318 14.61 2.17 -5.07
N HIS A 319 15.30 1.18 -5.64
CA HIS A 319 14.95 0.61 -6.93
C HIS A 319 14.05 -0.61 -6.82
N ASN A 320 13.37 -0.78 -5.69
CA ASN A 320 12.59 -2.00 -5.46
C ASN A 320 11.25 -1.87 -6.19
N ASN A 321 10.83 -2.96 -6.83
CA ASN A 321 9.54 -3.03 -7.52
C ASN A 321 8.49 -3.51 -6.53
N VAL A 322 7.52 -2.64 -6.22
CA VAL A 322 6.48 -2.93 -5.25
C VAL A 322 5.08 -2.77 -5.81
N TYR A 323 4.94 -2.44 -7.10
CA TYR A 323 3.60 -2.24 -7.67
C TYR A 323 2.77 -3.51 -7.59
N ARG A 324 3.32 -4.63 -8.07
CA ARG A 324 2.57 -5.88 -8.05
C ARG A 324 2.26 -6.33 -6.62
N ASP A 325 3.25 -6.18 -5.72
CA ASP A 325 3.03 -6.59 -4.33
C ASP A 325 1.93 -5.76 -3.67
N CYS A 326 1.92 -4.45 -3.92
CA CYS A 326 0.91 -3.59 -3.32
C CYS A 326 -0.49 -3.97 -3.79
N MET A 327 -0.65 -4.22 -5.09
CA MET A 327 -1.96 -4.59 -5.62
C MET A 327 -2.44 -5.92 -5.05
N LEU A 328 -1.55 -6.91 -4.97
CA LEU A 328 -1.94 -8.21 -4.42
C LEU A 328 -2.30 -8.11 -2.94
N LEU A 329 -1.52 -7.32 -2.18
CA LEU A 329 -1.83 -7.14 -0.76
C LEU A 329 -3.16 -6.41 -0.58
N GLY A 330 -3.43 -5.41 -1.43
CA GLY A 330 -4.73 -4.75 -1.38
C GLY A 330 -5.87 -5.69 -1.72
N CYS A 331 -5.66 -6.56 -2.70
CA CYS A 331 -6.68 -7.57 -3.03
C CYS A 331 -6.92 -8.50 -1.85
N LEU A 332 -5.84 -8.90 -1.16
CA LEU A 332 -5.99 -9.76 0.01
C LEU A 332 -6.81 -9.07 1.09
N ASN A 333 -6.52 -7.80 1.36
CA ASN A 333 -7.27 -7.05 2.38
C ASN A 333 -8.73 -6.92 2.00
N SER A 334 -9.00 -6.50 0.76
CA SER A 334 -10.39 -6.35 0.32
C SER A 334 -11.10 -7.69 0.29
N GLY A 335 -10.43 -8.73 -0.17
CA GLY A 335 -11.04 -10.05 -0.21
C GLY A 335 -11.36 -10.59 1.17
N THR A 336 -10.44 -10.38 2.13
CA THR A 336 -10.66 -10.87 3.49
C THR A 336 -11.90 -10.20 4.11
N SER A 337 -12.04 -8.89 3.93
CA SER A 337 -13.20 -8.19 4.45
C SER A 337 -14.49 -8.71 3.81
N PHE A 338 -14.48 -8.85 2.47
CA PHE A 338 -15.68 -9.28 1.77
C PHE A 338 -16.06 -10.71 2.13
N VAL A 339 -15.07 -11.59 2.25
CA VAL A 339 -15.35 -12.97 2.62
C VAL A 339 -15.84 -13.04 4.07
N SER A 340 -15.19 -12.30 4.97
CA SER A 340 -15.64 -12.28 6.36
C SER A 340 -17.04 -11.73 6.51
N GLY A 341 -17.45 -10.84 5.60
CA GLY A 341 -18.82 -10.35 5.61
C GLY A 341 -19.84 -11.45 5.42
N PHE A 342 -19.53 -12.42 4.56
CA PHE A 342 -20.44 -13.54 4.34
C PHE A 342 -20.65 -14.33 5.64
N ALA A 343 -19.57 -14.58 6.37
CA ALA A 343 -19.69 -15.33 7.62
C ALA A 343 -20.54 -14.58 8.64
N ILE A 344 -20.28 -13.29 8.83
CA ILE A 344 -20.98 -12.51 9.85
C ILE A 344 -22.47 -12.44 9.55
N PHE A 345 -22.83 -12.11 8.31
CA PHE A 345 -24.23 -11.93 7.98
C PHE A 345 -24.97 -13.26 7.86
N SER A 346 -24.28 -14.35 7.53
CA SER A 346 -24.89 -15.67 7.59
C SER A 346 -25.26 -16.02 9.03
N ILE A 347 -24.38 -15.69 9.98
CA ILE A 347 -24.70 -15.90 11.39
C ILE A 347 -25.88 -15.04 11.81
N LEU A 348 -25.89 -13.78 11.37
CA LEU A 348 -26.99 -12.88 11.70
C LEU A 348 -28.31 -13.36 11.09
N GLY A 349 -28.26 -13.87 9.86
CA GLY A 349 -29.45 -14.42 9.25
C GLY A 349 -29.99 -15.62 10.01
N PHE A 350 -29.10 -16.50 10.48
CA PHE A 350 -29.52 -17.62 11.30
C PHE A 350 -30.13 -17.14 12.61
N MET A 351 -29.53 -16.13 13.24
CA MET A 351 -30.08 -15.59 14.48
C MET A 351 -31.46 -14.98 14.25
N ALA A 352 -31.64 -14.27 13.14
CA ALA A 352 -32.95 -13.69 12.84
C ALA A 352 -33.99 -14.79 12.62
N GLN A 353 -33.62 -15.85 11.90
CA GLN A 353 -34.56 -16.95 11.68
C GLN A 353 -34.91 -17.66 12.99
N GLU A 354 -33.92 -17.86 13.86
CA GLU A 354 -34.17 -18.57 15.10
C GLU A 354 -35.03 -17.74 16.06
N GLN A 355 -34.68 -16.47 16.24
CA GLN A 355 -35.39 -15.61 17.18
C GLN A 355 -36.68 -15.05 16.62
N GLY A 356 -36.88 -15.09 15.31
CA GLY A 356 -38.09 -14.58 14.70
C GLY A 356 -38.09 -13.10 14.41
N VAL A 357 -37.07 -12.36 14.83
CA VAL A 357 -37.00 -10.93 14.59
C VAL A 357 -36.31 -10.67 13.25
N ASP A 358 -36.44 -9.44 12.77
CA ASP A 358 -35.81 -9.06 11.51
C ASP A 358 -34.28 -9.06 11.65
N ILE A 359 -33.61 -9.16 10.50
CA ILE A 359 -32.15 -9.17 10.49
C ILE A 359 -31.60 -7.85 11.04
N ALA A 360 -32.20 -6.74 10.63
CA ALA A 360 -31.73 -5.42 11.10
C ALA A 360 -31.95 -5.23 12.59
N ASP A 361 -32.87 -5.97 13.20
CA ASP A 361 -33.18 -5.84 14.61
C ASP A 361 -32.66 -7.02 15.44
N VAL A 362 -31.80 -7.85 14.88
CA VAL A 362 -31.38 -9.06 15.59
C VAL A 362 -30.19 -8.81 16.51
N ALA A 363 -29.36 -7.81 16.22
CA ALA A 363 -28.15 -7.58 17.00
C ALA A 363 -27.93 -6.08 17.15
N GLU A 364 -26.79 -5.72 17.76
CA GLU A 364 -26.44 -4.33 18.00
C GLU A 364 -25.95 -3.67 16.73
N SER A 365 -26.46 -2.48 16.44
CA SER A 365 -25.98 -1.67 15.31
C SER A 365 -24.80 -0.80 15.76
N GLY A 366 -23.73 -1.48 16.18
CA GLY A 366 -22.57 -0.81 16.69
C GLY A 366 -21.35 -1.73 16.70
N PRO A 367 -20.24 -1.25 17.27
CA PRO A 367 -18.99 -2.03 17.24
C PRO A 367 -19.07 -3.37 17.97
N GLY A 368 -20.14 -3.63 18.71
CA GLY A 368 -20.31 -4.89 19.41
C GLY A 368 -20.87 -6.03 18.58
N LEU A 369 -21.01 -5.85 17.27
CA LEU A 369 -21.59 -6.89 16.42
C LEU A 369 -20.73 -8.14 16.42
N ALA A 370 -19.41 -7.98 16.32
CA ALA A 370 -18.51 -9.14 16.27
C ALA A 370 -18.59 -9.94 17.56
N PHE A 371 -18.63 -9.26 18.70
CA PHE A 371 -18.71 -9.93 19.99
C PHE A 371 -20.10 -10.51 20.27
N ILE A 372 -21.10 -10.16 19.47
CA ILE A 372 -22.41 -10.76 19.62
C ILE A 372 -22.63 -11.89 18.61
N ALA A 373 -22.07 -11.78 17.41
CA ALA A 373 -22.34 -12.73 16.34
C ALA A 373 -21.38 -13.93 16.40
N TYR A 374 -20.07 -13.67 16.41
CA TYR A 374 -19.11 -14.76 16.38
C TYR A 374 -19.21 -15.69 17.58
N PRO A 375 -19.33 -15.23 18.83
CA PRO A 375 -19.58 -16.19 19.92
C PRO A 375 -20.80 -17.05 19.70
N LYS A 376 -21.87 -16.48 19.13
CA LYS A 376 -23.08 -17.25 18.87
C LYS A 376 -22.82 -18.40 17.90
N ALA A 377 -22.05 -18.14 16.84
CA ALA A 377 -21.68 -19.21 15.92
C ALA A 377 -20.81 -20.25 16.60
N VAL A 378 -19.91 -19.81 17.48
CA VAL A 378 -19.05 -20.74 18.20
C VAL A 378 -19.90 -21.67 19.08
N THR A 379 -20.97 -21.13 19.67
CA THR A 379 -21.87 -21.95 20.48
C THR A 379 -22.52 -23.07 19.67
N MET A 380 -22.62 -22.90 18.34
CA MET A 380 -23.19 -23.91 17.46
C MET A 380 -22.13 -24.83 16.88
N MET A 381 -21.06 -25.11 17.64
CA MET A 381 -20.00 -25.99 17.20
C MET A 381 -19.69 -27.00 18.27
N PRO A 382 -19.22 -28.19 17.90
CA PRO A 382 -18.87 -29.20 18.91
C PRO A 382 -17.71 -28.73 19.76
N LEU A 383 -17.83 -28.94 21.08
CA LEU A 383 -16.90 -28.44 22.07
C LEU A 383 -16.74 -26.94 21.90
N PRO A 384 -17.75 -26.14 22.27
CA PRO A 384 -17.68 -24.69 22.01
C PRO A 384 -16.50 -24.00 22.67
N THR A 385 -16.00 -24.53 23.79
CA THR A 385 -14.87 -23.90 24.47
C THR A 385 -13.63 -23.87 23.57
N PHE A 386 -13.37 -24.96 22.85
CA PHE A 386 -12.18 -25.02 22.01
C PHE A 386 -12.25 -24.01 20.88
N TRP A 387 -13.39 -23.90 20.20
CA TRP A 387 -13.52 -22.97 19.09
C TRP A 387 -13.54 -21.52 19.56
N SER A 388 -14.14 -21.25 20.72
CA SER A 388 -14.08 -19.91 21.28
C SER A 388 -12.65 -19.52 21.61
N ILE A 389 -11.88 -20.45 22.17
CA ILE A 389 -10.48 -20.18 22.48
C ILE A 389 -9.72 -19.82 21.20
N LEU A 390 -9.92 -20.61 20.15
CA LEU A 390 -9.22 -20.34 18.88
C LEU A 390 -9.68 -19.03 18.26
N PHE A 391 -10.99 -18.73 18.33
CA PHE A 391 -11.50 -17.50 17.73
C PHE A 391 -10.90 -16.27 18.39
N PHE A 392 -10.83 -16.25 19.72
CA PHE A 392 -10.34 -15.06 20.40
C PHE A 392 -8.82 -14.97 20.37
N ILE A 393 -8.13 -16.11 20.26
CA ILE A 393 -6.73 -16.09 19.91
C ILE A 393 -6.56 -15.51 18.50
N MET A 394 -7.47 -15.86 17.60
CA MET A 394 -7.45 -15.31 16.24
C MET A 394 -7.63 -13.79 16.27
N LEU A 395 -8.54 -13.30 17.10
CA LEU A 395 -8.73 -11.86 17.22
C LEU A 395 -7.47 -11.18 17.75
N LEU A 396 -6.85 -11.77 18.78
CA LEU A 396 -5.64 -11.19 19.35
C LEU A 396 -4.51 -11.18 18.34
N LEU A 397 -4.34 -12.27 17.58
CA LEU A 397 -3.27 -12.32 16.59
C LEU A 397 -3.46 -11.29 15.50
N LEU A 398 -4.70 -11.11 15.04
CA LEU A 398 -4.97 -10.09 14.03
C LEU A 398 -4.74 -8.69 14.56
N GLY A 399 -5.19 -8.42 15.80
CA GLY A 399 -5.09 -7.07 16.33
C GLY A 399 -3.71 -6.70 16.84
N LEU A 400 -2.99 -7.65 17.42
CA LEU A 400 -1.66 -7.36 17.95
C LEU A 400 -0.68 -7.06 16.82
N ASP A 401 -0.75 -7.81 15.72
CA ASP A 401 0.13 -7.56 14.59
C ASP A 401 -0.12 -6.18 13.99
N SER A 402 -1.39 -5.79 13.86
CA SER A 402 -1.70 -4.44 13.39
C SER A 402 -1.21 -3.40 14.38
N GLN A 403 -1.42 -3.63 15.67
CA GLN A 403 -1.00 -2.67 16.68
C GLN A 403 0.51 -2.48 16.69
N PHE A 404 1.26 -3.58 16.55
CA PHE A 404 2.72 -3.48 16.48
C PHE A 404 3.15 -2.60 15.31
N VAL A 405 2.48 -2.76 14.16
CA VAL A 405 2.80 -1.93 13.01
C VAL A 405 2.48 -0.46 13.29
N GLU A 406 1.30 -0.21 13.88
CA GLU A 406 0.91 1.17 14.17
C GLU A 406 1.85 1.83 15.17
N VAL A 407 2.21 1.12 16.24
CA VAL A 407 3.11 1.69 17.23
C VAL A 407 4.50 1.89 16.65
N GLU A 408 4.99 0.90 15.90
CA GLU A 408 6.33 1.01 15.32
C GLU A 408 6.40 2.17 14.33
N GLY A 409 5.35 2.35 13.52
CA GLY A 409 5.30 3.50 12.63
C GLY A 409 5.27 4.81 13.37
N GLN A 410 4.52 4.87 14.48
CA GLN A 410 4.46 6.09 15.27
C GLN A 410 5.82 6.43 15.86
N ILE A 411 6.52 5.44 16.41
CA ILE A 411 7.85 5.68 16.94
C ILE A 411 8.81 6.09 15.84
N THR A 412 8.76 5.41 14.70
CA THR A 412 9.68 5.71 13.60
C THR A 412 9.49 7.14 13.11
N SER A 413 8.23 7.58 12.97
CA SER A 413 7.98 8.95 12.54
C SER A 413 8.46 9.96 13.58
N LEU A 414 8.25 9.66 14.86
CA LEU A 414 8.58 10.62 15.91
C LEU A 414 10.08 10.74 16.11
N VAL A 415 10.80 9.61 16.14
CA VAL A 415 12.25 9.66 16.33
C VAL A 415 12.93 10.31 15.13
N ASP A 416 12.28 10.29 13.96
CA ASP A 416 12.86 10.95 12.79
C ASP A 416 13.01 12.45 13.01
N LEU A 417 12.14 13.05 13.83
CA LEU A 417 12.26 14.47 14.13
C LEU A 417 13.51 14.76 14.96
N TYR A 418 13.82 13.90 15.92
CA TYR A 418 14.96 14.08 16.81
C TYR A 418 15.80 12.81 16.85
N PRO A 419 16.49 12.49 15.75
CA PRO A 419 17.29 11.25 15.73
C PRO A 419 18.39 11.21 16.77
N SER A 420 18.98 12.35 17.12
CA SER A 420 20.08 12.37 18.07
C SER A 420 19.58 12.22 19.50
N PHE A 421 18.56 13.00 19.87
CA PHE A 421 18.03 12.91 21.23
C PHE A 421 17.33 11.58 21.48
N LEU A 422 16.65 11.04 20.47
CA LEU A 422 15.93 9.78 20.58
C LEU A 422 16.69 8.64 19.89
N ARG A 423 18.01 8.63 20.04
CA ARG A 423 18.84 7.60 19.43
C ARG A 423 18.50 6.23 20.02
N LYS A 424 19.00 5.20 19.34
CA LYS A 424 18.74 3.83 19.75
C LYS A 424 19.38 3.54 21.10
N GLY A 425 18.81 2.56 21.81
CA GLY A 425 19.30 2.19 23.12
C GLY A 425 18.36 2.58 24.24
N TYR A 426 18.92 3.16 25.30
CA TYR A 426 18.11 3.54 26.45
C TYR A 426 17.11 4.63 26.10
N ARG A 427 17.51 5.58 25.25
CA ARG A 427 16.64 6.70 24.91
C ARG A 427 15.36 6.22 24.23
N ARG A 428 15.48 5.30 23.28
CA ARG A 428 14.30 4.77 22.61
C ARG A 428 13.42 3.97 23.56
N GLU A 429 14.05 3.16 24.43
CA GLU A 429 13.28 2.35 25.37
C GLU A 429 12.45 3.22 26.31
N ILE A 430 13.06 4.29 26.83
CA ILE A 430 12.34 5.21 27.71
C ILE A 430 11.20 5.89 26.95
N PHE A 431 11.46 6.32 25.72
CA PHE A 431 10.43 7.00 24.94
C PHE A 431 9.25 6.09 24.65
N ILE A 432 9.54 4.83 24.28
CA ILE A 432 8.47 3.86 24.04
C ILE A 432 7.68 3.60 25.32
N ALA A 433 8.38 3.46 26.45
CA ALA A 433 7.71 3.21 27.72
C ALA A 433 6.82 4.38 28.10
N PHE A 434 7.30 5.61 27.92
CA PHE A 434 6.49 6.79 28.23
C PHE A 434 5.26 6.86 27.31
N VAL A 435 5.45 6.60 26.02
CA VAL A 435 4.33 6.66 25.08
C VAL A 435 3.29 5.60 25.40
N CYS A 436 3.74 4.37 25.69
CA CYS A 436 2.81 3.30 26.02
C CYS A 436 2.06 3.59 27.31
N SER A 437 2.76 4.13 28.31
CA SER A 437 2.10 4.44 29.58
C SER A 437 1.04 5.53 29.41
N ILE A 438 1.35 6.57 28.63
CA ILE A 438 0.38 7.63 28.38
C ILE A 438 -0.82 7.09 27.60
N SER A 439 -0.55 6.26 26.58
CA SER A 439 -1.64 5.67 25.82
C SER A 439 -2.48 4.75 26.69
N TYR A 440 -1.85 4.03 27.61
CA TYR A 440 -2.59 3.21 28.56
C TYR A 440 -3.50 4.07 29.44
N LEU A 441 -2.97 5.17 29.95
CA LEU A 441 -3.78 6.05 30.79
C LEU A 441 -4.88 6.74 29.98
N LEU A 442 -4.63 6.98 28.70
CA LEU A 442 -5.66 7.58 27.85
C LEU A 442 -6.74 6.58 27.47
N GLY A 443 -6.39 5.31 27.34
CA GLY A 443 -7.38 4.27 27.12
C GLY A 443 -8.21 3.93 28.35
N LEU A 444 -7.73 4.28 29.54
CA LEU A 444 -8.40 3.91 30.78
C LEU A 444 -9.79 4.52 30.92
N THR A 445 -10.05 5.65 30.26
CA THR A 445 -11.33 6.32 30.44
C THR A 445 -12.47 5.66 29.68
N MET A 446 -12.15 4.81 28.70
CA MET A 446 -13.18 4.17 27.88
C MET A 446 -13.36 2.69 28.21
N VAL A 447 -12.83 2.24 29.34
CA VAL A 447 -13.07 0.89 29.83
C VAL A 447 -13.91 0.90 31.11
N THR A 448 -14.52 2.04 31.43
CA THR A 448 -15.39 2.15 32.59
C THR A 448 -16.77 1.59 32.24
N GLU A 449 -17.75 1.81 33.12
CA GLU A 449 -19.11 1.38 32.84
C GLU A 449 -19.67 2.12 31.63
N GLY A 450 -19.43 3.43 31.54
CA GLY A 450 -19.90 4.21 30.42
C GLY A 450 -18.83 4.38 29.35
N GLY A 451 -17.79 3.54 29.40
CA GLY A 451 -16.71 3.65 28.44
C GLY A 451 -17.06 3.25 27.03
N MET A 452 -18.16 2.50 26.86
CA MET A 452 -18.57 2.09 25.52
C MET A 452 -18.92 3.30 24.66
N TYR A 453 -19.60 4.28 25.24
CA TYR A 453 -19.96 5.48 24.49
C TYR A 453 -18.72 6.26 24.08
N VAL A 454 -17.73 6.36 24.97
CA VAL A 454 -16.48 7.03 24.64
C VAL A 454 -15.78 6.31 23.51
N PHE A 455 -15.79 4.97 23.55
CA PHE A 455 -15.20 4.20 22.46
C PHE A 455 -15.90 4.47 21.13
N GLN A 456 -17.23 4.51 21.14
CA GLN A 456 -17.98 4.78 19.92
C GLN A 456 -17.67 6.17 19.39
N LEU A 457 -17.58 7.16 20.29
CA LEU A 457 -17.22 8.51 19.88
C LEU A 457 -15.81 8.54 19.26
N PHE A 458 -14.86 7.84 19.88
CA PHE A 458 -13.50 7.78 19.34
C PHE A 458 -13.50 7.11 17.97
N ASP A 459 -14.22 5.99 17.84
CA ASP A 459 -14.21 5.24 16.58
C ASP A 459 -14.80 6.05 15.44
N TYR A 460 -15.91 6.76 15.70
CA TYR A 460 -16.59 7.48 14.64
C TYR A 460 -15.80 8.71 14.20
N TYR A 461 -15.24 9.47 15.14
CA TYR A 461 -14.64 10.76 14.85
C TYR A 461 -13.11 10.70 14.77
N ALA A 462 -12.46 10.03 15.72
CA ALA A 462 -11.01 10.06 15.81
C ALA A 462 -10.40 9.00 14.90
N ALA A 463 -9.55 9.44 13.98
CA ALA A 463 -8.70 8.61 13.12
C ALA A 463 -9.48 7.72 12.17
N SER A 464 -10.82 7.76 12.17
CA SER A 464 -11.61 6.87 11.33
C SER A 464 -12.85 7.57 10.77
N GLY A 465 -12.75 8.87 10.50
CA GLY A 465 -13.88 9.64 10.01
C GLY A 465 -13.45 10.70 9.04
N VAL A 466 -13.95 11.92 9.23
CA VAL A 466 -13.69 13.02 8.31
C VAL A 466 -12.20 13.31 8.18
N CYS A 467 -11.42 12.99 9.21
CA CYS A 467 -9.98 13.25 9.16
C CYS A 467 -9.31 12.49 8.02
N LEU A 468 -9.75 11.25 7.78
CA LEU A 468 -9.17 10.46 6.70
C LEU A 468 -9.44 11.12 5.34
N LEU A 469 -10.67 11.62 5.14
CA LEU A 469 -10.96 12.37 3.93
C LEU A 469 -10.11 13.64 3.85
N TRP A 470 -9.95 14.33 4.97
CA TRP A 470 -9.15 15.56 5.00
C TRP A 470 -7.71 15.29 4.61
N VAL A 471 -7.09 14.27 5.22
CA VAL A 471 -5.68 13.99 4.96
C VAL A 471 -5.48 13.45 3.55
N ALA A 472 -6.36 12.56 3.10
CA ALA A 472 -6.20 11.94 1.79
C ALA A 472 -6.31 12.98 0.68
N PHE A 473 -7.25 13.92 0.79
CA PHE A 473 -7.41 14.94 -0.24
C PHE A 473 -6.15 15.78 -0.37
N PHE A 474 -5.57 16.20 0.76
CA PHE A 474 -4.40 17.06 0.70
C PHE A 474 -3.17 16.32 0.16
N GLU A 475 -3.05 15.02 0.48
CA GLU A 475 -1.94 14.24 -0.05
C GLU A 475 -1.96 14.20 -1.58
N CYS A 476 -3.10 13.82 -2.15
CA CYS A 476 -3.21 13.71 -3.60
C CYS A 476 -3.11 15.09 -4.25
N PHE A 477 -3.72 16.10 -3.64
CA PHE A 477 -3.67 17.46 -4.19
C PHE A 477 -2.24 17.94 -4.30
N VAL A 478 -1.45 17.81 -3.23
CA VAL A 478 -0.05 18.23 -3.26
C VAL A 478 0.71 17.46 -4.32
N ILE A 479 0.62 16.13 -4.27
CA ILE A 479 1.41 15.27 -5.16
C ILE A 479 1.04 15.53 -6.62
N ALA A 480 -0.26 15.53 -6.93
CA ALA A 480 -0.69 15.59 -8.32
C ALA A 480 -0.52 16.98 -8.91
N TRP A 481 -0.83 18.01 -8.13
CA TRP A 481 -0.91 19.38 -8.66
C TRP A 481 0.25 20.27 -8.23
N ILE A 482 0.63 20.27 -6.96
CA ILE A 482 1.64 21.19 -6.45
C ILE A 482 3.03 20.59 -6.67
N TYR A 483 3.23 19.36 -6.19
CA TYR A 483 4.50 18.67 -6.46
C TYR A 483 4.65 18.39 -7.95
N GLY A 484 3.57 18.03 -8.62
CA GLY A 484 3.62 17.74 -10.04
C GLY A 484 3.39 16.28 -10.35
N GLY A 485 2.27 15.97 -11.00
CA GLY A 485 1.99 14.60 -11.38
C GLY A 485 3.02 14.04 -12.35
N ASN A 486 3.45 14.85 -13.31
CA ASN A 486 4.48 14.42 -14.25
C ASN A 486 5.81 14.19 -13.53
N ARG A 487 6.16 15.08 -12.60
CA ARG A 487 7.39 14.90 -11.84
C ARG A 487 7.34 13.63 -10.99
N PHE A 488 6.21 13.37 -10.35
CA PHE A 488 6.08 12.18 -9.51
C PHE A 488 6.10 10.91 -10.36
N SER A 489 5.49 10.96 -11.55
CA SER A 489 5.57 9.83 -12.47
C SER A 489 7.00 9.57 -12.90
N GLU A 490 7.77 10.64 -13.14
CA GLU A 490 9.18 10.49 -13.42
C GLU A 490 9.91 9.84 -12.25
N ASP A 491 9.60 10.27 -11.02
CA ASP A 491 10.19 9.65 -9.84
C ASP A 491 9.81 8.19 -9.74
N ILE A 492 8.54 7.87 -10.02
CA ILE A 492 8.10 6.47 -9.99
C ILE A 492 8.83 5.65 -11.04
N ARG A 493 8.95 6.20 -12.26
CA ARG A 493 9.65 5.49 -13.33
C ARG A 493 11.12 5.28 -12.97
N ASP A 494 11.76 6.27 -12.35
CA ASP A 494 13.16 6.14 -11.98
C ASP A 494 13.38 5.00 -11.00
N MET A 495 12.40 4.73 -10.15
CA MET A 495 12.54 3.73 -9.10
C MET A 495 12.02 2.35 -9.54
N ILE A 496 10.80 2.30 -10.06
CA ILE A 496 10.22 1.01 -10.45
C ILE A 496 10.67 0.60 -11.85
N GLY A 497 10.89 1.56 -12.74
CA GLY A 497 11.19 1.26 -14.13
C GLY A 497 10.04 1.45 -15.08
N PHE A 498 8.82 1.65 -14.57
CA PHE A 498 7.65 1.88 -15.38
C PHE A 498 6.84 3.03 -14.81
N PRO A 499 6.13 3.78 -15.65
CA PRO A 499 5.26 4.85 -15.15
C PRO A 499 4.06 4.27 -14.42
N PRO A 500 3.46 5.03 -13.50
CA PRO A 500 2.30 4.51 -12.77
C PRO A 500 1.12 4.17 -13.67
N GLY A 501 0.94 4.88 -14.78
CA GLY A 501 -0.14 4.60 -15.69
C GLY A 501 -1.29 5.57 -15.57
N PRO A 502 -2.21 5.51 -16.54
CA PRO A 502 -3.34 6.45 -16.51
C PRO A 502 -4.28 6.25 -15.33
N TRP A 503 -4.47 5.02 -14.87
CA TRP A 503 -5.36 4.77 -13.74
C TRP A 503 -4.88 5.50 -12.49
N MET A 504 -3.61 5.31 -12.13
CA MET A 504 -3.09 5.91 -10.90
C MET A 504 -2.98 7.43 -11.03
N LYS A 505 -2.54 7.92 -12.19
CA LYS A 505 -2.40 9.36 -12.38
C LYS A 505 -3.74 10.07 -12.26
N TYR A 506 -4.77 9.56 -12.93
CA TYR A 506 -6.08 10.20 -12.90
C TYR A 506 -6.72 10.07 -11.52
N SER A 507 -6.52 8.95 -10.85
CA SER A 507 -7.07 8.78 -9.51
C SER A 507 -6.50 9.80 -8.54
N TRP A 508 -5.18 10.01 -8.60
CA TRP A 508 -4.57 11.02 -7.74
C TRP A 508 -5.01 12.43 -8.12
N ALA A 509 -5.10 12.71 -9.43
CA ALA A 509 -5.34 14.06 -9.88
C ALA A 509 -6.79 14.49 -9.66
N VAL A 510 -7.74 13.61 -9.98
CA VAL A 510 -9.15 13.97 -10.07
C VAL A 510 -10.02 13.11 -9.16
N ILE A 511 -9.92 11.79 -9.31
CA ILE A 511 -10.92 10.89 -8.71
C ILE A 511 -10.90 10.99 -7.18
N THR A 512 -9.71 10.89 -6.59
CA THR A 512 -9.64 11.00 -5.13
C THR A 512 -10.05 12.38 -4.62
N PRO A 513 -9.55 13.50 -5.17
CA PRO A 513 -10.03 14.81 -4.68
C PRO A 513 -11.54 14.99 -4.81
N VAL A 514 -12.13 14.57 -5.93
CA VAL A 514 -13.56 14.73 -6.13
C VAL A 514 -14.34 13.91 -5.10
N LEU A 515 -13.93 12.67 -4.90
CA LEU A 515 -14.62 11.80 -3.95
C LEU A 515 -14.54 12.36 -2.53
N CYS A 516 -13.35 12.82 -2.13
CA CYS A 516 -13.19 13.37 -0.79
C CYS A 516 -14.02 14.62 -0.59
N VAL A 517 -13.96 15.55 -1.53
CA VAL A 517 -14.71 16.80 -1.41
C VAL A 517 -16.21 16.54 -1.45
N GLY A 518 -16.65 15.65 -2.35
CA GLY A 518 -18.07 15.37 -2.47
C GLY A 518 -18.66 14.79 -1.21
N CYS A 519 -17.99 13.80 -0.62
CA CYS A 519 -18.45 13.25 0.65
C CYS A 519 -18.38 14.28 1.77
N PHE A 520 -17.34 15.11 1.77
CA PHE A 520 -17.23 16.17 2.77
C PHE A 520 -18.41 17.14 2.65
N ILE A 521 -18.71 17.59 1.44
CA ILE A 521 -19.84 18.50 1.24
C ILE A 521 -21.15 17.80 1.55
N PHE A 522 -21.31 16.55 1.10
CA PHE A 522 -22.55 15.83 1.32
C PHE A 522 -22.79 15.58 2.81
N SER A 523 -21.73 15.21 3.54
CA SER A 523 -21.88 14.99 4.98
C SER A 523 -22.23 16.29 5.70
N LEU A 524 -21.60 17.40 5.31
CA LEU A 524 -21.83 18.66 6.01
C LEU A 524 -23.19 19.29 5.67
N VAL A 525 -23.69 19.07 4.47
CA VAL A 525 -24.96 19.68 4.07
C VAL A 525 -26.15 18.86 4.56
N LYS A 526 -26.03 17.54 4.60
CA LYS A 526 -27.07 16.65 5.11
C LYS A 526 -26.70 16.07 6.47
N TYR A 527 -26.09 16.88 7.32
CA TYR A 527 -25.55 16.39 8.59
C TYR A 527 -26.65 15.82 9.46
N VAL A 528 -26.37 14.66 10.06
CA VAL A 528 -27.22 14.05 11.07
C VAL A 528 -26.35 13.64 12.25
N PRO A 529 -26.83 13.77 13.48
CA PRO A 529 -25.96 13.51 14.64
C PRO A 529 -25.68 12.03 14.83
N LEU A 530 -24.60 11.77 15.56
CA LEU A 530 -24.20 10.40 15.87
C LEU A 530 -25.15 9.80 16.90
N THR A 531 -25.44 8.51 16.72
CA THR A 531 -26.28 7.77 17.65
C THR A 531 -25.67 6.41 17.91
N TYR A 532 -25.64 6.01 19.19
CA TYR A 532 -25.10 4.72 19.58
C TYR A 532 -26.20 3.68 19.55
N ASN A 533 -25.97 2.60 18.80
CA ASN A 533 -26.94 1.52 18.63
C ASN A 533 -28.25 2.02 18.05
N LYS A 534 -28.19 3.15 17.33
CA LYS A 534 -29.32 3.77 16.65
C LYS A 534 -30.46 4.16 17.58
N THR A 535 -30.23 4.17 18.90
CA THR A 535 -31.29 4.48 19.84
C THR A 535 -30.85 5.51 20.87
N TYR A 536 -29.55 5.62 21.11
CA TYR A 536 -29.02 6.55 22.11
C TYR A 536 -28.54 7.81 21.42
N VAL A 537 -29.04 8.96 21.88
CA VAL A 537 -28.68 10.26 21.34
C VAL A 537 -27.58 10.86 22.21
N TYR A 538 -26.44 11.18 21.59
CA TYR A 538 -25.33 11.73 22.32
C TYR A 538 -25.63 13.16 22.78
N PRO A 539 -25.13 13.56 23.94
CA PRO A 539 -25.27 14.95 24.37
C PRO A 539 -24.50 15.89 23.44
N ASN A 540 -24.99 17.13 23.37
CA ASN A 540 -24.36 18.11 22.48
C ASN A 540 -22.89 18.33 22.83
N TRP A 541 -22.55 18.25 24.12
CA TRP A 541 -21.14 18.38 24.50
C TRP A 541 -20.33 17.17 24.04
N ALA A 542 -20.93 15.98 24.04
CA ALA A 542 -20.23 14.80 23.54
C ALA A 542 -19.93 14.92 22.05
N ILE A 543 -20.89 15.43 21.28
CA ILE A 543 -20.65 15.64 19.86
C ILE A 543 -19.58 16.69 19.63
N GLY A 544 -19.60 17.77 20.43
CA GLY A 544 -18.55 18.76 20.35
C GLY A 544 -17.19 18.21 20.67
N LEU A 545 -17.12 17.31 21.67
CA LEU A 545 -15.87 16.65 21.98
C LEU A 545 -15.39 15.79 20.82
N GLY A 546 -16.31 15.08 20.16
CA GLY A 546 -15.94 14.30 19.00
C GLY A 546 -15.42 15.15 17.85
N TRP A 547 -16.08 16.28 17.60
CA TRP A 547 -15.60 17.20 16.56
C TRP A 547 -14.24 17.79 16.94
N SER A 548 -14.06 18.11 18.22
CA SER A 548 -12.76 18.59 18.69
C SER A 548 -11.69 17.53 18.51
N LEU A 549 -12.04 16.27 18.76
CA LEU A 549 -11.11 15.17 18.49
C LEU A 549 -10.74 15.11 17.02
N ALA A 550 -11.74 15.27 16.14
CA ALA A 550 -11.47 15.31 14.72
C ALA A 550 -10.65 16.54 14.33
N LEU A 551 -10.98 17.69 14.92
CA LEU A 551 -10.26 18.91 14.59
C LEU A 551 -8.81 18.89 15.07
N SER A 552 -8.53 18.12 16.12
CA SER A 552 -7.16 18.04 16.63
C SER A 552 -6.19 17.55 15.57
N SER A 553 -6.64 16.72 14.63
CA SER A 553 -5.81 16.25 13.55
C SER A 553 -5.99 17.07 12.27
N MET A 554 -7.24 17.45 11.94
CA MET A 554 -7.50 18.17 10.71
C MET A 554 -6.82 19.54 10.70
N LEU A 555 -6.84 20.22 11.84
CA LEU A 555 -6.27 21.56 11.93
C LEU A 555 -4.75 21.57 11.84
N CYS A 556 -4.11 20.40 11.87
CA CYS A 556 -2.65 20.35 11.79
C CYS A 556 -2.13 20.91 10.48
N VAL A 557 -2.84 20.67 9.38
CA VAL A 557 -2.40 21.12 8.06
C VAL A 557 -2.36 22.65 7.99
N PRO A 558 -3.46 23.38 8.21
CA PRO A 558 -3.37 24.85 8.13
C PRO A 558 -2.42 25.46 9.16
N LEU A 559 -2.35 24.88 10.35
CA LEU A 559 -1.54 25.45 11.42
C LEU A 559 -0.06 25.38 11.09
N VAL A 560 0.41 24.21 10.64
CA VAL A 560 1.82 24.07 10.28
C VAL A 560 2.15 24.93 9.06
N ILE A 561 1.21 25.08 8.13
CA ILE A 561 1.41 25.94 6.97
C ILE A 561 1.67 27.38 7.44
N VAL A 562 0.87 27.85 8.40
CA VAL A 562 1.10 29.18 8.98
C VAL A 562 2.44 29.22 9.70
N ILE A 563 2.75 28.17 10.47
CA ILE A 563 4.01 28.12 11.21
C ILE A 563 5.20 28.14 10.24
N ARG A 564 5.11 27.33 9.19
CA ARG A 564 6.17 27.30 8.18
C ARG A 564 6.32 28.63 7.49
N LEU A 565 5.20 29.25 7.11
CA LEU A 565 5.23 30.51 6.38
C LEU A 565 5.79 31.64 7.25
N CYS A 566 5.34 31.73 8.51
CA CYS A 566 5.77 32.81 9.38
C CYS A 566 7.25 32.69 9.75
N GLN A 567 7.82 31.49 9.70
CA GLN A 567 9.22 31.29 10.03
C GLN A 567 10.17 31.56 8.87
N THR A 568 9.64 31.90 7.70
CA THR A 568 10.44 32.15 6.51
C THR A 568 10.54 33.65 6.27
N GLU A 569 11.77 34.14 6.08
CA GLU A 569 12.00 35.56 5.85
C GLU A 569 11.72 35.91 4.39
N GLY A 570 11.75 37.20 4.10
CA GLY A 570 11.51 37.69 2.76
C GLY A 570 10.05 37.99 2.51
N PRO A 571 9.72 38.43 1.29
CA PRO A 571 8.33 38.73 0.97
C PRO A 571 7.49 37.47 0.87
N PHE A 572 6.17 37.68 0.81
CA PHE A 572 5.23 36.57 0.82
C PHE A 572 5.43 35.65 -0.38
N LEU A 573 5.59 36.24 -1.57
CA LEU A 573 5.76 35.43 -2.78
C LEU A 573 7.03 34.60 -2.72
N VAL A 574 8.13 35.19 -2.26
CA VAL A 574 9.38 34.44 -2.10
C VAL A 574 9.22 33.36 -1.04
N ARG A 575 8.55 33.68 0.06
CA ARG A 575 8.38 32.73 1.15
C ARG A 575 7.63 31.49 0.70
N VAL A 576 6.52 31.67 -0.02
CA VAL A 576 5.75 30.52 -0.49
C VAL A 576 6.52 29.78 -1.57
N LYS A 577 7.26 30.49 -2.43
CA LYS A 577 8.03 29.84 -3.47
C LYS A 577 9.11 28.94 -2.87
N TYR A 578 9.79 29.42 -1.82
CA TYR A 578 10.81 28.61 -1.16
C TYR A 578 10.17 27.37 -0.53
N LEU A 579 9.07 27.55 0.20
CA LEU A 579 8.46 26.46 0.93
C LEU A 579 7.82 25.41 0.01
N LEU A 580 7.42 25.80 -1.19
CA LEU A 580 6.93 24.80 -2.15
C LEU A 580 8.06 24.00 -2.78
N THR A 581 9.28 24.51 -2.74
CA THR A 581 10.44 23.83 -3.30
C THR A 581 10.97 22.80 -2.32
N PRO A 582 11.33 21.59 -2.79
CA PRO A 582 11.95 20.60 -1.90
C PRO A 582 13.18 21.13 -1.19
N ARG A 583 13.14 21.15 0.15
CA ARG A 583 14.22 21.73 0.94
C ARG A 583 15.27 20.70 1.33
N GLU A 584 14.85 19.65 2.03
CA GLU A 584 15.78 18.63 2.50
C GLU A 584 16.18 17.66 1.37
N GLU B 1 4.60 4.70 -37.43
CA GLU B 1 4.27 5.96 -36.77
C GLU B 1 5.49 6.53 -36.05
N VAL B 2 5.97 5.80 -35.05
CA VAL B 2 7.15 6.23 -34.31
C VAL B 2 8.37 6.17 -35.21
N GLN B 3 9.16 7.23 -35.21
CA GLN B 3 10.34 7.32 -36.05
C GLN B 3 11.44 8.06 -35.29
N LEU B 4 12.67 7.57 -35.43
CA LEU B 4 13.83 8.21 -34.84
C LEU B 4 14.92 8.33 -35.90
N VAL B 5 15.50 9.52 -36.02
CA VAL B 5 16.57 9.78 -36.98
C VAL B 5 17.64 10.62 -36.30
N GLU B 6 18.89 10.20 -36.43
CA GLU B 6 20.02 10.90 -35.84
C GLU B 6 20.72 11.77 -36.88
N SER B 7 21.45 12.76 -36.39
CA SER B 7 22.21 13.65 -37.25
C SER B 7 23.48 14.08 -36.52
N GLY B 8 24.52 14.37 -37.30
CA GLY B 8 25.78 14.80 -36.73
C GLY B 8 26.81 13.68 -36.65
N GLY B 9 27.88 13.79 -37.43
CA GLY B 9 28.93 12.79 -37.41
C GLY B 9 30.01 13.06 -38.43
N GLY B 10 31.26 12.74 -38.11
CA GLY B 10 32.35 12.97 -39.04
C GLY B 10 33.69 12.70 -38.39
N LEU B 11 34.74 13.15 -39.08
CA LEU B 11 36.12 12.96 -38.62
C LEU B 11 36.51 14.06 -37.65
N VAL B 12 37.09 13.67 -36.52
CA VAL B 12 37.58 14.61 -35.51
C VAL B 12 38.98 14.19 -35.08
N LYS B 13 39.74 15.14 -34.58
CA LYS B 13 41.03 14.85 -33.99
C LYS B 13 40.86 14.25 -32.60
N PRO B 14 41.79 13.40 -32.16
CA PRO B 14 41.71 12.87 -30.79
C PRO B 14 41.73 13.99 -29.77
N GLY B 15 40.89 13.85 -28.75
CA GLY B 15 40.71 14.90 -27.76
C GLY B 15 39.76 16.00 -28.16
N GLY B 16 39.16 15.93 -29.33
CA GLY B 16 38.25 16.95 -29.81
C GLY B 16 36.86 16.79 -29.22
N SER B 17 35.96 17.65 -29.70
CA SER B 17 34.58 17.69 -29.22
C SER B 17 33.62 17.70 -30.40
N LEU B 18 32.52 16.98 -30.27
CA LEU B 18 31.48 16.94 -31.28
C LEU B 18 30.16 16.60 -30.61
N LYS B 19 29.08 17.23 -31.06
CA LYS B 19 27.77 17.07 -30.48
C LYS B 19 26.85 16.34 -31.44
N LEU B 20 26.23 15.27 -30.97
CA LEU B 20 25.31 14.47 -31.76
C LEU B 20 23.86 14.86 -31.44
N SER B 21 22.96 14.50 -32.35
CA SER B 21 21.55 14.85 -32.22
C SER B 21 20.68 13.66 -32.59
N CYS B 22 19.45 13.67 -32.08
CA CYS B 22 18.49 12.61 -32.36
C CYS B 22 17.10 13.24 -32.44
N ALA B 23 16.52 13.27 -33.63
CA ALA B 23 15.17 13.78 -33.82
C ALA B 23 14.14 12.70 -33.57
N ALA B 24 12.97 13.11 -33.09
CA ALA B 24 11.89 12.19 -32.77
C ALA B 24 10.59 12.68 -33.39
N SER B 25 9.74 11.72 -33.76
CA SER B 25 8.45 12.03 -34.35
C SER B 25 7.52 10.84 -34.13
N GLY B 26 6.22 11.10 -34.24
CA GLY B 26 5.21 10.08 -34.10
C GLY B 26 4.79 9.78 -32.67
N PHE B 27 5.39 10.43 -31.69
CA PHE B 27 5.05 10.19 -30.29
C PHE B 27 5.44 11.42 -29.48
N THR B 28 4.94 11.46 -28.24
CA THR B 28 5.26 12.54 -27.32
C THR B 28 6.68 12.33 -26.79
N PHE B 29 7.64 13.06 -27.36
CA PHE B 29 9.03 12.90 -26.96
C PHE B 29 9.25 13.30 -25.51
N SER B 30 8.42 14.20 -24.98
CA SER B 30 8.57 14.69 -23.61
C SER B 30 8.02 13.71 -22.57
N SER B 31 7.65 12.49 -22.97
CA SER B 31 7.09 11.51 -22.05
C SER B 31 7.81 10.18 -22.06
N TYR B 32 8.83 10.01 -22.90
CA TYR B 32 9.52 8.73 -23.04
C TYR B 32 11.01 8.93 -22.77
N ALA B 33 11.57 8.06 -21.94
CA ALA B 33 13.01 8.11 -21.66
C ALA B 33 13.81 7.73 -22.90
N MET B 34 14.98 8.35 -23.03
CA MET B 34 15.85 8.13 -24.18
C MET B 34 17.24 7.76 -23.72
N SER B 35 17.90 6.89 -24.49
CA SER B 35 19.23 6.42 -24.19
C SER B 35 20.06 6.38 -25.48
N TRP B 36 21.38 6.43 -25.31
CA TRP B 36 22.31 6.32 -26.43
C TRP B 36 23.09 5.02 -26.31
N VAL B 37 23.10 4.25 -27.39
CA VAL B 37 23.87 3.00 -27.48
C VAL B 37 24.75 3.09 -28.72
N ARG B 38 26.03 2.80 -28.56
CA ARG B 38 27.00 2.89 -29.64
C ARG B 38 27.53 1.50 -29.99
N GLN B 39 27.73 1.28 -31.29
CA GLN B 39 28.26 0.01 -31.81
C GLN B 39 29.64 0.28 -32.40
N SER B 40 30.66 -0.31 -31.79
CA SER B 40 32.02 -0.15 -32.27
C SER B 40 32.22 -0.94 -33.56
N PRO B 41 33.28 -0.63 -34.33
CA PRO B 41 33.60 -1.42 -35.53
C PRO B 41 33.70 -2.91 -35.23
N GLU B 42 33.97 -3.27 -33.97
CA GLU B 42 34.00 -4.66 -33.55
C GLU B 42 32.61 -5.26 -33.41
N LYS B 43 31.55 -4.46 -33.62
CA LYS B 43 30.13 -4.86 -33.61
C LYS B 43 29.61 -5.10 -32.21
N ARG B 44 30.35 -4.75 -31.18
CA ARG B 44 29.91 -4.93 -29.80
C ARG B 44 29.09 -3.72 -29.35
N LEU B 45 27.87 -3.99 -28.89
CA LEU B 45 27.01 -2.91 -28.41
C LEU B 45 27.47 -2.44 -27.03
N GLU B 46 27.62 -1.13 -26.87
CA GLU B 46 28.00 -0.53 -25.61
C GLU B 46 27.01 0.56 -25.25
N TRP B 47 26.43 0.47 -24.05
CA TRP B 47 25.53 1.51 -23.57
C TRP B 47 26.34 2.72 -23.13
N VAL B 48 25.79 3.91 -23.38
CA VAL B 48 26.54 5.14 -23.16
C VAL B 48 25.92 5.96 -22.03
N ALA B 49 24.68 6.40 -22.22
CA ALA B 49 24.05 7.26 -21.23
C ALA B 49 22.53 7.19 -21.41
N GLU B 50 21.81 7.50 -20.33
CA GLU B 50 20.36 7.55 -20.34
C GLU B 50 19.88 8.84 -19.69
N ILE B 51 18.82 9.42 -20.25
CA ILE B 51 18.17 10.59 -19.69
C ILE B 51 16.71 10.22 -19.40
N SER B 52 16.23 10.59 -18.22
CA SER B 52 14.91 10.18 -17.78
C SER B 52 13.83 10.83 -18.62
N SER B 53 12.57 10.47 -18.31
CA SER B 53 11.45 10.96 -19.11
C SER B 53 11.32 12.48 -19.06
N GLY B 54 11.79 13.11 -17.98
CA GLY B 54 11.71 14.55 -17.85
C GLY B 54 13.06 15.22 -17.79
N GLY B 55 14.14 14.43 -17.85
CA GLY B 55 15.48 14.97 -17.83
C GLY B 55 16.04 15.24 -16.46
N ARG B 56 15.35 14.83 -15.39
CA ARG B 56 15.84 15.10 -14.04
C ARG B 56 16.83 14.05 -13.56
N TYR B 57 16.69 12.80 -13.99
CA TYR B 57 17.61 11.72 -13.63
C TYR B 57 18.44 11.35 -14.83
N ILE B 58 19.77 11.32 -14.65
CA ILE B 58 20.71 11.07 -15.73
C ILE B 58 21.72 10.02 -15.26
N TYR B 59 22.03 9.07 -16.12
CA TYR B 59 23.00 8.03 -15.84
C TYR B 59 23.99 7.91 -16.98
N TYR B 60 25.25 7.62 -16.65
CA TYR B 60 26.31 7.46 -17.64
C TYR B 60 27.02 6.13 -17.44
N SER B 61 27.59 5.64 -18.54
CA SER B 61 28.50 4.50 -18.46
C SER B 61 29.78 4.88 -17.73
N ASP B 62 30.44 3.88 -17.15
CA ASP B 62 31.64 4.15 -16.36
C ASP B 62 32.73 4.80 -17.21
N THR B 63 32.77 4.51 -18.50
CA THR B 63 33.86 5.00 -19.36
C THR B 63 33.61 6.39 -19.94
N VAL B 64 32.39 6.92 -19.83
CA VAL B 64 32.06 8.22 -20.41
C VAL B 64 31.45 9.14 -19.36
N THR B 65 31.57 8.74 -18.10
CA THR B 65 30.91 9.49 -17.03
C THR B 65 31.51 10.89 -16.88
N GLY B 66 32.79 11.05 -17.17
CA GLY B 66 33.45 12.33 -16.98
C GLY B 66 33.64 13.19 -18.21
N ARG B 67 33.23 12.72 -19.39
CA ARG B 67 33.51 13.45 -20.62
C ARG B 67 32.23 13.70 -21.44
N PHE B 68 31.26 12.82 -21.32
CA PHE B 68 30.04 12.90 -22.11
C PHE B 68 28.94 13.63 -21.35
N THR B 69 27.93 14.09 -22.09
CA THR B 69 26.81 14.82 -21.52
C THR B 69 25.58 14.59 -22.38
N ILE B 70 24.46 14.24 -21.74
CA ILE B 70 23.20 13.98 -22.40
C ILE B 70 22.21 15.07 -22.00
N SER B 71 21.42 15.54 -22.98
CA SER B 71 20.47 16.61 -22.73
C SER B 71 19.28 16.46 -23.69
N ARG B 72 18.21 17.18 -23.38
CA ARG B 72 16.97 17.11 -24.14
C ARG B 72 16.59 18.49 -24.67
N ASP B 73 15.75 18.48 -25.70
CA ASP B 73 15.07 19.67 -26.22
C ASP B 73 13.61 19.26 -26.39
N ASN B 74 12.82 19.41 -25.33
CA ASN B 74 11.45 18.91 -25.33
C ASN B 74 10.58 19.68 -26.33
N ALA B 75 10.75 21.00 -26.40
CA ALA B 75 9.97 21.80 -27.34
C ALA B 75 10.28 21.42 -28.78
N ARG B 76 11.56 21.22 -29.10
CA ARG B 76 11.96 20.83 -30.44
C ARG B 76 11.88 19.33 -30.66
N ASN B 77 11.65 18.54 -29.61
CA ASN B 77 11.58 17.08 -29.70
C ASN B 77 12.85 16.50 -30.32
N ILE B 78 13.99 17.02 -29.88
CA ILE B 78 15.29 16.59 -30.38
C ILE B 78 16.18 16.27 -29.18
N LEU B 79 16.87 15.14 -29.25
CA LEU B 79 17.76 14.69 -28.19
C LEU B 79 19.21 14.97 -28.56
N HIS B 80 19.96 15.57 -27.63
CA HIS B 80 21.32 16.00 -27.87
C HIS B 80 22.28 15.24 -26.96
N LEU B 81 23.40 14.80 -27.52
CA LEU B 81 24.49 14.20 -26.76
C LEU B 81 25.76 14.97 -27.08
N GLU B 82 26.42 15.49 -26.04
CA GLU B 82 27.60 16.32 -26.20
C GLU B 82 28.80 15.62 -25.60
N MET B 83 29.89 15.57 -26.35
CA MET B 83 31.14 14.96 -25.91
C MET B 83 32.22 16.02 -25.81
N SER B 84 32.91 16.06 -24.67
CA SER B 84 33.96 17.03 -24.44
C SER B 84 35.35 16.51 -24.78
N SER B 85 35.57 15.20 -24.76
CA SER B 85 36.88 14.63 -25.03
C SER B 85 36.69 13.27 -25.71
N LEU B 86 36.85 13.24 -27.03
CA LEU B 86 36.72 12.02 -27.81
C LEU B 86 38.07 11.31 -27.86
N ARG B 87 38.15 10.15 -27.23
CA ARG B 87 39.36 9.34 -27.22
C ARG B 87 39.40 8.44 -28.45
N SER B 88 40.47 7.65 -28.56
CA SER B 88 40.60 6.73 -29.69
C SER B 88 39.53 5.65 -29.66
N GLU B 89 39.07 5.26 -28.47
CA GLU B 89 38.09 4.19 -28.33
C GLU B 89 36.65 4.68 -28.53
N ASP B 90 36.45 5.97 -28.77
CA ASP B 90 35.11 6.51 -28.95
C ASP B 90 34.57 6.37 -30.37
N THR B 91 35.37 5.85 -31.30
CA THR B 91 34.91 5.66 -32.66
C THR B 91 33.88 4.53 -32.72
N ALA B 92 32.69 4.86 -33.22
CA ALA B 92 31.57 3.92 -33.27
C ALA B 92 30.39 4.53 -34.01
N MET B 93 29.31 3.77 -34.15
CA MET B 93 28.04 4.27 -34.66
C MET B 93 27.07 4.38 -33.50
N TYR B 94 26.54 5.58 -33.28
CA TYR B 94 25.70 5.87 -32.12
C TYR B 94 24.23 5.74 -32.49
N TYR B 95 23.48 5.01 -31.67
CA TYR B 95 22.07 4.71 -31.92
C TYR B 95 21.20 5.37 -30.87
N CYS B 96 20.12 6.00 -31.32
CA CYS B 96 19.16 6.65 -30.45
C CYS B 96 18.04 5.67 -30.13
N ALA B 97 17.82 5.41 -28.84
CA ALA B 97 16.90 4.37 -28.40
C ALA B 97 15.84 4.96 -27.47
N ARG B 98 14.61 4.49 -27.64
CA ARG B 98 13.47 4.92 -26.81
C ARG B 98 13.22 3.93 -25.69
N GLY B 99 14.17 3.87 -24.75
CA GLY B 99 14.06 3.01 -23.60
C GLY B 99 13.30 3.64 -22.44
N GLU B 100 11.98 3.73 -22.55
CA GLU B 100 11.17 4.29 -21.47
C GLU B 100 10.95 3.27 -20.36
N VAL B 101 10.32 2.15 -20.68
CA VAL B 101 9.99 1.13 -19.68
C VAL B 101 11.17 0.18 -19.56
N ARG B 102 11.72 0.08 -18.34
CA ARG B 102 12.84 -0.83 -18.11
C ARG B 102 12.43 -2.29 -18.25
N GLN B 103 11.16 -2.60 -18.00
CA GLN B 103 10.66 -3.96 -18.16
C GLN B 103 10.44 -4.36 -19.61
N ARG B 104 10.43 -3.41 -20.53
CA ARG B 104 10.23 -3.69 -21.95
C ARG B 104 11.47 -3.47 -22.79
N GLY B 105 12.33 -2.54 -22.42
CA GLY B 105 13.58 -2.35 -23.11
C GLY B 105 13.50 -1.38 -24.27
N PHE B 106 14.57 -1.36 -25.05
CA PHE B 106 14.73 -0.45 -26.18
C PHE B 106 13.86 -0.94 -27.34
N ASP B 107 12.58 -0.57 -27.28
CA ASP B 107 11.63 -1.05 -28.28
C ASP B 107 11.78 -0.36 -29.63
N TYR B 108 12.42 0.80 -29.68
CA TYR B 108 12.60 1.54 -30.92
C TYR B 108 14.02 2.05 -31.01
N TRP B 109 14.58 1.98 -32.22
CA TRP B 109 15.95 2.38 -32.47
C TRP B 109 16.01 3.31 -33.68
N GLY B 110 16.95 4.25 -33.65
CA GLY B 110 17.15 5.16 -34.75
C GLY B 110 18.01 4.56 -35.85
N GLN B 111 18.23 5.38 -36.89
CA GLN B 111 19.05 4.92 -38.02
C GLN B 111 20.52 4.87 -37.65
N GLY B 112 20.98 5.76 -36.79
CA GLY B 112 22.36 5.75 -36.34
C GLY B 112 23.26 6.61 -37.21
N THR B 113 24.28 7.17 -36.57
CA THR B 113 25.30 7.98 -37.24
C THR B 113 26.68 7.53 -36.77
N THR B 114 27.64 7.55 -37.69
CA THR B 114 28.98 7.08 -37.41
C THR B 114 29.88 8.23 -36.97
N LEU B 115 30.82 7.93 -36.08
CA LEU B 115 31.80 8.88 -35.60
C LEU B 115 33.17 8.24 -35.68
N THR B 116 34.13 8.94 -36.26
CA THR B 116 35.48 8.42 -36.44
C THR B 116 36.50 9.46 -36.01
N VAL B 117 37.68 8.98 -35.64
CA VAL B 117 38.76 9.82 -35.16
C VAL B 117 39.97 9.65 -36.07
N SER B 118 40.78 10.70 -36.15
CA SER B 118 41.94 10.71 -37.04
C SER B 118 43.16 10.07 -36.38
N GLU C 1 30.33 -3.77 -12.65
CA GLU C 1 29.44 -3.90 -13.80
C GLU C 1 29.03 -5.35 -14.01
N ASN C 2 27.73 -5.56 -14.23
CA ASN C 2 27.20 -6.90 -14.45
C ASN C 2 27.47 -7.29 -15.90
N VAL C 3 28.66 -7.86 -16.14
CA VAL C 3 29.08 -8.23 -17.49
C VAL C 3 28.25 -9.41 -17.97
N LEU C 4 27.67 -9.29 -19.16
CA LEU C 4 26.92 -10.37 -19.78
C LEU C 4 27.78 -11.08 -20.81
N THR C 5 27.64 -12.41 -20.86
CA THR C 5 28.40 -13.24 -21.80
C THR C 5 27.46 -14.24 -22.48
N GLN C 6 27.64 -14.39 -23.80
CA GLN C 6 26.93 -15.40 -24.57
C GLN C 6 27.92 -16.49 -24.97
N SER C 7 27.57 -17.75 -24.67
CA SER C 7 28.50 -18.85 -24.91
C SER C 7 28.84 -19.03 -26.38
N PRO C 8 27.88 -19.15 -27.31
CA PRO C 8 28.27 -19.39 -28.71
C PRO C 8 28.64 -18.08 -29.40
N ALA C 9 29.86 -18.02 -29.93
CA ALA C 9 30.29 -16.82 -30.65
C ALA C 9 29.59 -16.71 -32.00
N ILE C 10 29.50 -17.84 -32.72
CA ILE C 10 28.86 -17.85 -34.04
C ILE C 10 28.26 -19.23 -34.26
N MET C 11 27.15 -19.26 -35.01
CA MET C 11 26.42 -20.50 -35.25
C MET C 11 25.99 -20.56 -36.71
N SER C 12 26.02 -21.77 -37.26
CA SER C 12 25.53 -22.02 -38.60
C SER C 12 24.76 -23.33 -38.60
N THR C 13 23.55 -23.30 -39.17
CA THR C 13 22.69 -24.45 -39.22
C THR C 13 21.91 -24.43 -40.53
N SER C 14 21.43 -25.61 -40.94
CA SER C 14 20.55 -25.69 -42.08
C SER C 14 19.21 -25.04 -41.75
N PRO C 15 18.51 -24.51 -42.75
CA PRO C 15 17.24 -23.82 -42.46
C PRO C 15 16.07 -24.77 -42.27
N GLY C 16 16.29 -25.82 -41.49
CA GLY C 16 15.22 -26.75 -41.15
C GLY C 16 15.34 -27.35 -39.76
N GLU C 17 16.15 -26.72 -38.90
CA GLU C 17 16.48 -27.29 -37.61
C GLU C 17 16.38 -26.23 -36.52
N LYS C 18 16.14 -26.69 -35.29
CA LYS C 18 16.08 -25.81 -34.13
C LYS C 18 17.49 -25.51 -33.61
N VAL C 19 17.65 -24.30 -33.06
CA VAL C 19 18.89 -23.88 -32.42
C VAL C 19 18.57 -23.31 -31.06
N THR C 20 19.58 -23.30 -30.19
CA THR C 20 19.44 -22.76 -28.84
C THR C 20 20.62 -21.84 -28.55
N MET C 21 20.37 -20.84 -27.71
CA MET C 21 21.37 -19.84 -27.37
C MET C 21 21.24 -19.50 -25.89
N THR C 22 22.37 -19.17 -25.27
CA THR C 22 22.41 -18.92 -23.83
C THR C 22 23.04 -17.56 -23.56
N CYS C 23 22.67 -16.97 -22.43
CA CYS C 23 23.22 -15.69 -21.97
C CYS C 23 23.50 -15.79 -20.49
N ARG C 24 24.78 -15.69 -20.12
CA ARG C 24 25.23 -15.83 -18.74
C ARG C 24 25.51 -14.46 -18.15
N ALA C 25 25.01 -14.22 -16.94
CA ALA C 25 25.16 -12.95 -16.26
C ALA C 25 26.13 -13.07 -15.10
N SER C 26 27.01 -12.08 -14.96
CA SER C 26 27.94 -12.06 -13.85
C SER C 26 27.23 -11.85 -12.51
N SER C 27 26.01 -11.34 -12.53
CA SER C 27 25.22 -11.16 -11.32
C SER C 27 23.76 -11.45 -11.62
N SER C 28 23.03 -11.83 -10.59
CA SER C 28 21.63 -12.20 -10.76
C SER C 28 20.81 -11.01 -11.20
N VAL C 29 19.96 -11.22 -12.20
CA VAL C 29 19.10 -10.19 -12.75
C VAL C 29 17.65 -10.67 -12.69
N GLY C 30 16.73 -9.73 -12.46
CA GLY C 30 15.33 -10.08 -12.46
C GLY C 30 14.87 -10.59 -13.82
N SER C 31 13.88 -11.48 -13.80
CA SER C 31 13.34 -12.02 -15.05
C SER C 31 12.75 -10.92 -15.93
N SER C 32 12.28 -9.83 -15.30
CA SER C 32 11.65 -8.72 -16.03
C SER C 32 12.65 -7.69 -16.54
N TYR C 33 13.94 -7.84 -16.25
CA TYR C 33 14.94 -6.82 -16.58
C TYR C 33 16.01 -7.36 -17.53
N LEU C 34 15.68 -8.35 -18.35
CA LEU C 34 16.60 -8.82 -19.39
C LEU C 34 15.81 -9.00 -20.68
N HIS C 35 16.35 -8.45 -21.77
CA HIS C 35 15.70 -8.46 -23.07
C HIS C 35 16.68 -8.93 -24.14
N TRP C 36 16.13 -9.46 -25.23
CA TRP C 36 16.93 -9.90 -26.38
C TRP C 36 16.61 -9.02 -27.58
N TYR C 37 17.65 -8.57 -28.26
CA TYR C 37 17.52 -7.72 -29.44
C TYR C 37 18.08 -8.45 -30.66
N GLN C 38 17.40 -8.31 -31.80
CA GLN C 38 17.83 -8.88 -33.06
C GLN C 38 18.31 -7.75 -33.96
N GLN C 39 19.57 -7.82 -34.37
CA GLN C 39 20.17 -6.80 -35.24
C GLN C 39 20.37 -7.40 -36.63
N LYS C 40 19.68 -6.83 -37.63
CA LYS C 40 19.91 -7.23 -39.01
C LYS C 40 21.34 -6.88 -39.42
N SER C 41 21.91 -7.71 -40.29
CA SER C 41 23.30 -7.54 -40.72
C SER C 41 23.38 -6.35 -41.66
N GLY C 42 23.43 -5.16 -41.08
CA GLY C 42 23.52 -3.93 -41.85
C GLY C 42 22.52 -2.88 -41.44
N ALA C 43 21.79 -3.12 -40.36
CA ALA C 43 20.75 -2.20 -39.91
C ALA C 43 20.83 -2.07 -38.40
N SER C 44 19.89 -1.32 -37.83
CA SER C 44 19.84 -1.08 -36.40
C SER C 44 19.23 -2.27 -35.66
N PRO C 45 19.55 -2.41 -34.37
CA PRO C 45 18.92 -3.48 -33.56
C PRO C 45 17.42 -3.28 -33.45
N LYS C 46 16.76 -4.32 -32.95
CA LYS C 46 15.31 -4.31 -32.83
C LYS C 46 14.90 -5.23 -31.67
N LEU C 47 14.01 -4.73 -30.81
CA LEU C 47 13.53 -5.52 -29.68
C LEU C 47 12.87 -6.80 -30.17
N TRP C 48 13.29 -7.93 -29.60
CA TRP C 48 12.80 -9.24 -30.02
C TRP C 48 12.03 -9.95 -28.92
N ILE C 49 12.61 -10.07 -27.72
CA ILE C 49 11.92 -10.62 -26.56
C ILE C 49 12.24 -9.76 -25.35
N TYR C 50 11.21 -9.47 -24.56
CA TYR C 50 11.37 -8.72 -23.32
C TYR C 50 10.67 -9.46 -22.20
N SER C 51 11.14 -9.23 -20.97
CA SER C 51 10.69 -9.93 -19.76
C SER C 51 10.92 -11.44 -19.87
N THR C 52 11.85 -11.84 -20.74
CA THR C 52 12.34 -13.22 -20.84
C THR C 52 11.29 -14.16 -21.42
N SER C 53 10.04 -13.71 -21.56
CA SER C 53 9.02 -14.54 -22.16
C SER C 53 8.08 -13.82 -23.13
N ASN C 54 8.02 -12.48 -23.11
CA ASN C 54 7.06 -11.76 -23.94
C ASN C 54 7.66 -11.48 -25.31
N LEU C 55 7.07 -12.07 -26.35
CA LEU C 55 7.56 -11.87 -27.70
C LEU C 55 7.18 -10.49 -28.22
N ALA C 56 8.07 -9.89 -29.00
CA ALA C 56 7.85 -8.55 -29.52
C ALA C 56 6.70 -8.54 -30.54
N SER C 57 6.40 -7.36 -31.05
CA SER C 57 5.31 -7.22 -32.00
C SER C 57 5.65 -7.82 -33.36
N GLY C 58 6.90 -7.69 -33.79
CA GLY C 58 7.26 -8.09 -35.14
C GLY C 58 7.85 -9.47 -35.28
N VAL C 59 8.22 -10.08 -34.15
CA VAL C 59 8.80 -11.42 -34.18
C VAL C 59 7.75 -12.43 -34.61
N PRO C 60 8.13 -13.37 -35.49
CA PRO C 60 7.19 -14.38 -35.96
C PRO C 60 6.75 -15.30 -34.83
N ALA C 61 7.25 -15.08 -33.62
CA ALA C 61 6.90 -15.91 -32.47
C ALA C 61 7.59 -17.26 -32.61
N ARG C 62 8.27 -17.48 -33.73
CA ARG C 62 9.01 -18.72 -33.92
C ARG C 62 10.09 -18.76 -32.86
N PHE C 63 10.19 -17.68 -32.09
CA PHE C 63 11.20 -17.62 -31.04
C PHE C 63 10.56 -17.85 -29.68
N SER C 64 11.40 -18.22 -28.71
CA SER C 64 10.97 -18.41 -27.33
C SER C 64 12.14 -18.17 -26.41
N GLY C 65 11.84 -17.68 -25.21
CA GLY C 65 12.87 -17.40 -24.23
C GLY C 65 12.51 -17.97 -22.87
N SER C 66 13.55 -18.31 -22.12
CA SER C 66 13.38 -18.81 -20.76
C SER C 66 14.66 -18.56 -19.97
N GLY C 67 14.52 -18.55 -18.66
CA GLY C 67 15.66 -18.37 -17.78
C GLY C 67 15.26 -17.69 -16.49
N SER C 68 16.22 -17.65 -15.56
CA SER C 68 16.02 -17.04 -14.25
C SER C 68 17.37 -16.92 -13.57
N GLY C 69 17.42 -16.08 -12.55
CA GLY C 69 18.66 -15.90 -11.79
C GLY C 69 19.74 -15.25 -12.63
N THR C 70 20.85 -15.94 -12.82
CA THR C 70 21.98 -15.44 -13.58
C THR C 70 22.23 -16.18 -14.88
N SER C 71 21.38 -17.15 -15.24
CA SER C 71 21.52 -17.90 -16.47
C SER C 71 20.22 -17.80 -17.26
N TYR C 72 20.35 -17.49 -18.55
CA TYR C 72 19.19 -17.22 -19.38
C TYR C 72 19.44 -17.78 -20.78
N SER C 73 18.36 -17.98 -21.52
CA SER C 73 18.45 -18.65 -22.81
C SER C 73 17.34 -18.16 -23.74
N LEU C 74 17.59 -18.32 -25.04
CA LEU C 74 16.60 -18.05 -26.08
C LEU C 74 16.61 -19.22 -27.05
N THR C 75 15.44 -19.55 -27.62
CA THR C 75 15.32 -20.72 -28.47
C THR C 75 14.50 -20.37 -29.71
N ILE C 76 14.75 -21.14 -30.77
CA ILE C 76 14.01 -21.03 -32.04
C ILE C 76 13.47 -22.40 -32.38
N SER C 77 12.18 -22.47 -32.71
CA SER C 77 11.55 -23.77 -33.00
C SER C 77 12.13 -24.39 -34.27
N SER C 78 12.22 -23.61 -35.34
CA SER C 78 12.78 -24.11 -36.60
C SER C 78 13.23 -22.91 -37.43
N VAL C 79 14.54 -22.71 -37.54
CA VAL C 79 15.05 -21.52 -38.21
C VAL C 79 14.81 -21.65 -39.71
N GLU C 80 14.31 -20.58 -40.31
CA GLU C 80 14.07 -20.49 -41.75
C GLU C 80 15.03 -19.48 -42.37
N ALA C 81 14.81 -19.19 -43.66
CA ALA C 81 15.55 -18.14 -44.33
C ALA C 81 15.25 -16.79 -43.71
N GLU C 82 16.21 -15.87 -43.82
CA GLU C 82 16.19 -14.49 -43.32
C GLU C 82 16.29 -14.45 -41.79
N ASP C 83 16.36 -15.59 -41.11
CA ASP C 83 16.49 -15.62 -39.67
C ASP C 83 17.93 -15.42 -39.20
N ALA C 84 18.89 -15.43 -40.11
CA ALA C 84 20.30 -15.26 -39.74
C ALA C 84 20.54 -13.80 -39.35
N ALA C 85 20.89 -13.59 -38.09
CA ALA C 85 21.14 -12.24 -37.57
C ALA C 85 21.91 -12.38 -36.26
N THR C 86 22.32 -11.24 -35.72
CA THR C 86 23.06 -11.19 -34.47
C THR C 86 22.11 -10.84 -33.33
N TYR C 87 22.14 -11.64 -32.28
CA TYR C 87 21.22 -11.52 -31.16
C TYR C 87 21.98 -11.14 -29.90
N TYR C 88 21.54 -10.08 -29.24
CA TYR C 88 22.17 -9.56 -28.03
C TYR C 88 21.21 -9.66 -26.85
N CYS C 89 21.68 -10.25 -25.75
CA CYS C 89 20.96 -10.16 -24.49
C CYS C 89 21.42 -8.91 -23.74
N GLN C 90 20.49 -8.28 -23.02
CA GLN C 90 20.74 -7.00 -22.38
C GLN C 90 20.21 -7.00 -20.95
N GLN C 91 21.00 -6.45 -20.04
CA GLN C 91 20.61 -6.32 -18.64
C GLN C 91 20.03 -4.93 -18.40
N PHE C 92 18.86 -4.89 -17.76
CA PHE C 92 18.17 -3.62 -17.51
C PHE C 92 17.75 -3.46 -16.06
N SER C 93 18.40 -4.18 -15.14
CA SER C 93 18.06 -4.12 -13.72
C SER C 93 18.86 -3.07 -12.96
N GLY C 94 20.07 -2.76 -13.41
CA GLY C 94 20.91 -1.82 -12.70
C GLY C 94 22.00 -1.22 -13.58
N TYR C 95 22.44 -0.02 -13.23
CA TYR C 95 23.38 0.70 -14.07
C TYR C 95 24.82 0.37 -13.70
N PRO C 96 25.74 0.40 -14.68
CA PRO C 96 25.55 0.72 -16.10
C PRO C 96 24.85 -0.40 -16.87
N LEU C 97 24.07 -0.09 -17.89
CA LEU C 97 23.42 -1.13 -18.68
C LEU C 97 24.45 -1.87 -19.51
N THR C 98 24.24 -3.18 -19.66
CA THR C 98 25.21 -4.05 -20.31
C THR C 98 24.52 -4.90 -21.37
N PHE C 99 25.14 -4.97 -22.55
CA PHE C 99 24.73 -5.86 -23.63
C PHE C 99 25.71 -7.03 -23.72
N GLY C 100 25.22 -8.17 -24.13
CA GLY C 100 26.06 -9.35 -24.30
C GLY C 100 27.07 -9.16 -25.42
N SER C 101 28.02 -10.10 -25.47
CA SER C 101 29.09 -10.04 -26.46
C SER C 101 28.58 -10.19 -27.88
N GLY C 102 27.34 -10.62 -28.07
CA GLY C 102 26.75 -10.78 -29.38
C GLY C 102 27.06 -12.13 -30.02
N THR C 103 26.03 -12.71 -30.66
CA THR C 103 26.12 -14.00 -31.33
C THR C 103 25.37 -13.95 -32.65
N LYS C 104 25.98 -14.49 -33.70
CA LYS C 104 25.46 -14.37 -35.05
C LYS C 104 25.09 -15.74 -35.61
N LEU C 105 23.86 -15.87 -36.09
CA LEU C 105 23.45 -17.02 -36.87
C LEU C 105 23.88 -16.84 -38.33
N GLU C 106 24.23 -17.96 -38.97
CA GLU C 106 24.73 -17.92 -40.34
C GLU C 106 24.10 -19.05 -41.14
N MET C 107 24.04 -18.84 -42.46
CA MET C 107 23.50 -19.82 -43.40
C MET C 107 22.03 -20.17 -43.11
N BAL D . -5.02 0.58 10.91
CB BAL D . -4.99 -0.76 11.46
CA BAL D . -5.32 -1.79 10.38
C BAL D . -6.79 -2.20 10.39
O BAL D . -7.30 -2.77 9.39
OXT BAL D . -7.51 -1.95 11.40
NA NA E . -7.62 -4.50 6.74
NA NA F . -2.42 -7.55 11.59
CL CL G . -11.96 -3.53 4.72
#